data_1P1A
#
_entry.id   1P1A
#
_entity_poly.entity_id   1
_entity_poly.type   'polypeptide(L)'
_entity_poly.pdbx_seq_one_letter_code
;GSHMQVTLKTLQQQTFKIDIDPEETVKALKEKIESEKGKDAFPVAGQKLIYAGKILNDDTALKEYKIDEKNFVVVMVTKP
KAVST
;
_entity_poly.pdbx_strand_id   A
#
# COMPACT_ATOMS: atom_id res chain seq x y z
N GLY A 1 -8.95 -16.39 -3.75
CA GLY A 1 -8.52 -17.73 -3.28
C GLY A 1 -7.55 -17.63 -2.13
N SER A 2 -6.43 -18.37 -2.19
CA SER A 2 -5.30 -18.25 -1.24
C SER A 2 -4.61 -16.89 -1.27
N HIS A 3 -4.74 -16.15 -2.38
CA HIS A 3 -4.41 -14.73 -2.54
C HIS A 3 -5.58 -13.97 -3.18
N MET A 4 -5.52 -12.65 -3.10
CA MET A 4 -6.48 -11.68 -3.64
C MET A 4 -5.71 -10.48 -4.23
N GLN A 5 -6.29 -9.79 -5.23
CA GLN A 5 -5.62 -8.73 -5.97
C GLN A 5 -6.20 -7.33 -5.71
N VAL A 6 -5.36 -6.30 -5.81
CA VAL A 6 -5.73 -4.89 -5.59
C VAL A 6 -5.14 -4.00 -6.68
N THR A 7 -5.82 -2.89 -6.99
CA THR A 7 -5.33 -1.86 -7.93
C THR A 7 -4.75 -0.69 -7.15
N LEU A 8 -3.50 -0.29 -7.44
CA LEU A 8 -2.76 0.71 -6.67
C LEU A 8 -2.37 1.93 -7.51
N LYS A 9 -2.75 3.12 -7.05
CA LYS A 9 -2.31 4.42 -7.56
C LYS A 9 -1.19 4.99 -6.68
N THR A 10 -0.42 5.94 -7.19
CA THR A 10 0.70 6.56 -6.45
C THR A 10 0.73 8.08 -6.61
N LEU A 11 1.51 8.75 -5.76
CA LEU A 11 1.90 10.16 -5.89
C LEU A 11 2.74 10.50 -7.15
N GLN A 12 2.99 9.53 -8.03
CA GLN A 12 3.77 9.65 -9.28
C GLN A 12 2.92 9.30 -10.53
N GLN A 13 1.63 9.64 -10.49
CA GLN A 13 0.71 9.72 -11.64
C GLN A 13 0.60 8.42 -12.47
N GLN A 14 0.58 7.26 -11.80
CA GLN A 14 0.54 5.92 -12.40
C GLN A 14 -0.38 4.98 -11.60
N THR A 15 -0.77 3.86 -12.20
CA THR A 15 -1.57 2.81 -11.54
C THR A 15 -1.07 1.41 -11.92
N PHE A 16 -1.11 0.45 -10.99
CA PHE A 16 -0.68 -0.94 -11.18
C PHE A 16 -1.58 -1.95 -10.44
N LYS A 17 -1.30 -3.24 -10.63
CA LYS A 17 -2.09 -4.40 -10.17
C LYS A 17 -1.14 -5.39 -9.49
N ILE A 18 -1.47 -5.80 -8.27
CA ILE A 18 -0.70 -6.76 -7.46
C ILE A 18 -1.63 -7.71 -6.70
N ASP A 19 -1.08 -8.81 -6.15
CA ASP A 19 -1.82 -9.82 -5.40
C ASP A 19 -1.05 -10.34 -4.18
N ILE A 20 -1.74 -10.46 -3.04
CA ILE A 20 -1.22 -10.91 -1.73
C ILE A 20 -2.30 -11.72 -0.97
N ASP A 21 -1.95 -12.36 0.13
CA ASP A 21 -2.93 -13.00 1.03
C ASP A 21 -3.82 -11.93 1.73
N PRO A 22 -5.16 -11.93 1.54
CA PRO A 22 -6.05 -10.92 2.11
C PRO A 22 -6.17 -10.93 3.64
N GLU A 23 -5.70 -11.98 4.32
CA GLU A 23 -5.65 -12.07 5.79
C GLU A 23 -4.31 -11.60 6.39
N GLU A 24 -3.33 -11.21 5.57
CA GLU A 24 -2.16 -10.46 6.05
C GLU A 24 -2.51 -8.98 6.27
N THR A 25 -1.67 -8.26 7.03
CA THR A 25 -1.82 -6.81 7.24
C THR A 25 -1.31 -5.99 6.05
N VAL A 26 -1.59 -4.68 6.07
CA VAL A 26 -1.02 -3.70 5.11
C VAL A 26 0.50 -3.80 4.98
N LYS A 27 1.22 -4.22 6.03
CA LYS A 27 2.67 -4.42 6.02
C LYS A 27 3.13 -5.33 4.86
N ALA A 28 2.40 -6.41 4.57
CA ALA A 28 2.68 -7.30 3.44
C ALA A 28 2.47 -6.63 2.08
N LEU A 29 1.33 -5.97 1.88
CA LEU A 29 0.96 -5.22 0.68
C LEU A 29 1.90 -4.03 0.44
N LYS A 30 2.42 -3.41 1.51
CA LYS A 30 3.34 -2.27 1.47
C LYS A 30 4.80 -2.67 1.24
N GLU A 31 5.26 -3.77 1.82
CA GLU A 31 6.62 -4.31 1.55
C GLU A 31 6.78 -4.78 0.10
N LYS A 32 5.77 -5.45 -0.47
CA LYS A 32 5.89 -6.11 -1.78
C LYS A 32 6.11 -5.14 -2.95
N ILE A 33 5.65 -3.89 -2.86
CA ILE A 33 5.84 -2.88 -3.93
C ILE A 33 7.23 -2.24 -3.90
N GLU A 34 7.90 -2.18 -2.74
CA GLU A 34 9.32 -1.78 -2.66
C GLU A 34 10.21 -2.74 -3.45
N SER A 35 9.86 -4.04 -3.51
CA SER A 35 10.57 -5.03 -4.35
C SER A 35 10.48 -4.74 -5.86
N GLU A 36 9.46 -3.98 -6.30
CA GLU A 36 9.23 -3.62 -7.71
C GLU A 36 9.68 -2.20 -8.08
N LYS A 37 9.59 -1.24 -7.15
CA LYS A 37 9.79 0.20 -7.42
C LYS A 37 10.89 0.85 -6.57
N GLY A 38 11.43 0.13 -5.59
CA GLY A 38 12.71 0.39 -4.93
C GLY A 38 12.65 1.27 -3.68
N LYS A 39 13.59 1.02 -2.76
CA LYS A 39 13.89 1.80 -1.55
C LYS A 39 14.11 3.30 -1.84
N ASP A 40 14.65 3.60 -3.01
CA ASP A 40 14.98 4.96 -3.49
C ASP A 40 13.75 5.83 -3.84
N ALA A 41 12.56 5.23 -3.98
CA ALA A 41 11.33 5.93 -4.35
C ALA A 41 10.11 5.59 -3.47
N PHE A 42 10.07 4.39 -2.86
CA PHE A 42 8.96 3.92 -2.00
C PHE A 42 9.48 3.20 -0.73
N PRO A 43 10.27 3.88 0.13
CA PRO A 43 10.88 3.27 1.33
C PRO A 43 9.82 2.80 2.33
N VAL A 44 9.84 1.51 2.69
CA VAL A 44 8.87 0.87 3.61
C VAL A 44 8.69 1.60 4.95
N ALA A 45 9.79 2.09 5.53
CA ALA A 45 9.81 2.86 6.78
C ALA A 45 9.14 4.26 6.68
N GLY A 46 8.85 4.73 5.46
CA GLY A 46 8.39 6.08 5.15
C GLY A 46 7.36 6.14 4.02
N GLN A 47 6.55 5.08 3.84
CA GLN A 47 5.39 5.10 2.95
C GLN A 47 4.08 4.68 3.64
N LYS A 48 2.96 5.14 3.08
CA LYS A 48 1.59 5.17 3.66
C LYS A 48 0.56 4.81 2.60
N LEU A 49 -0.64 4.39 3.01
CA LEU A 49 -1.71 3.94 2.10
C LEU A 49 -3.11 4.44 2.54
N ILE A 50 -3.97 4.66 1.55
CA ILE A 50 -5.35 5.17 1.67
C ILE A 50 -6.29 4.38 0.76
N TYR A 51 -7.45 3.92 1.28
CA TYR A 51 -8.51 3.31 0.46
C TYR A 51 -9.66 4.30 0.23
N ALA A 52 -9.45 5.22 -0.72
CA ALA A 52 -10.40 6.26 -1.17
C ALA A 52 -10.96 7.17 -0.04
N GLY A 53 -10.21 7.34 1.06
CA GLY A 53 -10.56 8.19 2.20
C GLY A 53 -10.34 7.53 3.57
N LYS A 54 -10.03 6.22 3.60
CA LYS A 54 -9.84 5.40 4.80
C LYS A 54 -8.35 5.25 5.09
N ILE A 55 -7.95 5.31 6.36
CA ILE A 55 -6.55 5.37 6.79
C ILE A 55 -6.11 3.98 7.22
N LEU A 56 -5.36 3.29 6.35
CA LEU A 56 -5.00 1.89 6.49
C LEU A 56 -3.84 1.69 7.50
N ASN A 57 -3.73 0.49 8.07
CA ASN A 57 -2.91 0.19 9.25
C ASN A 57 -2.00 -1.04 9.06
N ASP A 58 -0.69 -0.89 9.30
CA ASP A 58 0.30 -1.98 9.22
C ASP A 58 0.08 -3.13 10.25
N ASP A 59 -0.88 -2.99 11.17
CA ASP A 59 -1.21 -3.95 12.23
C ASP A 59 -2.68 -4.47 12.15
N THR A 60 -3.40 -4.20 11.04
CA THR A 60 -4.76 -4.71 10.78
C THR A 60 -4.85 -5.34 9.40
N ALA A 61 -5.50 -6.51 9.33
CA ALA A 61 -5.58 -7.36 8.15
C ALA A 61 -6.42 -6.76 7.01
N LEU A 62 -6.00 -6.99 5.76
CA LEU A 62 -6.51 -6.30 4.57
C LEU A 62 -8.02 -6.47 4.33
N LYS A 63 -8.58 -7.65 4.61
CA LYS A 63 -10.02 -7.92 4.51
C LYS A 63 -10.92 -7.07 5.42
N GLU A 64 -10.39 -6.52 6.53
CA GLU A 64 -11.16 -5.67 7.46
C GLU A 64 -11.35 -4.23 6.95
N TYR A 65 -10.61 -3.82 5.92
CA TYR A 65 -10.90 -2.59 5.15
C TYR A 65 -11.91 -2.82 4.01
N LYS A 66 -12.30 -4.09 3.77
CA LYS A 66 -13.18 -4.55 2.68
C LYS A 66 -12.78 -4.04 1.28
N ILE A 67 -11.47 -4.08 0.96
CA ILE A 67 -10.94 -3.72 -0.36
C ILE A 67 -11.48 -4.71 -1.42
N ASP A 68 -11.58 -4.26 -2.68
CA ASP A 68 -12.24 -4.99 -3.78
C ASP A 68 -11.43 -4.94 -5.08
N GLU A 69 -11.46 -6.05 -5.84
CA GLU A 69 -10.73 -6.24 -7.11
C GLU A 69 -11.09 -5.22 -8.21
N LYS A 70 -12.26 -4.56 -8.10
CA LYS A 70 -12.80 -3.58 -9.06
C LYS A 70 -12.70 -2.13 -8.54
N ASN A 71 -12.05 -1.91 -7.40
CA ASN A 71 -11.75 -0.59 -6.85
C ASN A 71 -10.21 -0.42 -6.65
N PHE A 72 -9.76 0.77 -6.23
CA PHE A 72 -8.34 1.09 -6.09
C PHE A 72 -7.98 1.78 -4.76
N VAL A 73 -6.70 1.71 -4.43
CA VAL A 73 -6.04 2.18 -3.21
C VAL A 73 -4.89 3.12 -3.64
N VAL A 74 -4.54 4.11 -2.83
CA VAL A 74 -3.54 5.15 -3.15
C VAL A 74 -2.37 5.05 -2.17
N VAL A 75 -1.13 5.04 -2.68
CA VAL A 75 0.09 5.04 -1.87
C VAL A 75 0.74 6.43 -1.84
N MET A 76 1.35 6.78 -0.70
CA MET A 76 1.97 8.09 -0.43
C MET A 76 3.31 7.90 0.31
N VAL A 77 4.20 8.89 0.30
CA VAL A 77 5.58 8.77 0.79
C VAL A 77 6.01 10.03 1.55
N THR A 78 6.75 9.86 2.65
CA THR A 78 7.31 10.95 3.49
C THR A 78 8.80 10.78 3.85
N LYS A 79 9.44 9.65 3.47
CA LYS A 79 10.89 9.36 3.37
C LYS A 79 11.46 8.32 4.38
N PRO A 80 11.15 8.30 5.69
CA PRO A 80 10.43 9.29 6.50
C PRO A 80 11.30 10.52 6.84
N LYS A 81 10.67 11.56 7.43
CA LYS A 81 11.33 12.80 7.92
C LYS A 81 12.14 12.63 9.23
N ALA A 82 12.39 11.38 9.66
CA ALA A 82 13.10 11.06 10.91
C ALA A 82 14.53 11.64 10.94
N VAL A 83 14.78 12.58 11.86
CA VAL A 83 16.07 13.24 12.11
C VAL A 83 16.29 13.45 13.62
N SER A 84 17.56 13.52 14.05
CA SER A 84 17.93 13.78 15.46
C SER A 84 17.42 15.15 15.95
N THR A 85 17.02 15.22 17.22
CA THR A 85 16.47 16.42 17.89
C THR A 85 16.68 16.37 19.41
N GLY A 1 -3.66 -18.90 2.57
CA GLY A 1 -3.37 -19.13 1.15
C GLY A 1 -4.61 -18.95 0.29
N SER A 2 -5.15 -17.73 0.24
CA SER A 2 -6.48 -17.40 -0.33
C SER A 2 -6.45 -16.04 -1.06
N HIS A 3 -5.35 -15.78 -1.79
CA HIS A 3 -5.00 -14.47 -2.37
C HIS A 3 -6.14 -13.75 -3.13
N MET A 4 -6.10 -12.42 -3.06
CA MET A 4 -6.90 -11.48 -3.86
C MET A 4 -6.00 -10.40 -4.46
N GLN A 5 -6.43 -9.76 -5.56
CA GLN A 5 -5.67 -8.68 -6.21
C GLN A 5 -6.18 -7.29 -5.84
N VAL A 6 -5.30 -6.28 -5.83
CA VAL A 6 -5.65 -4.88 -5.54
C VAL A 6 -5.00 -3.95 -6.58
N THR A 7 -5.67 -2.86 -6.93
CA THR A 7 -5.17 -1.82 -7.85
C THR A 7 -4.64 -0.62 -7.06
N LEU A 8 -3.39 -0.21 -7.32
CA LEU A 8 -2.65 0.79 -6.55
C LEU A 8 -2.24 1.97 -7.43
N LYS A 9 -2.67 3.18 -7.05
CA LYS A 9 -2.24 4.46 -7.60
C LYS A 9 -1.19 5.10 -6.70
N THR A 10 -0.50 6.12 -7.18
CA THR A 10 0.63 6.75 -6.48
C THR A 10 0.60 8.27 -6.57
N LEU A 11 1.23 8.96 -5.61
CA LEU A 11 1.55 10.40 -5.72
C LEU A 11 2.45 10.74 -6.93
N GLN A 12 3.21 9.74 -7.42
CA GLN A 12 4.00 9.76 -8.65
C GLN A 12 3.14 9.50 -9.92
N GLN A 13 1.81 9.48 -9.77
CA GLN A 13 0.79 9.52 -10.84
C GLN A 13 0.87 8.33 -11.82
N GLN A 14 1.02 7.12 -11.26
CA GLN A 14 0.97 5.85 -11.99
C GLN A 14 -0.18 4.98 -11.45
N THR A 15 -0.44 3.83 -12.08
CA THR A 15 -1.25 2.75 -11.49
C THR A 15 -0.67 1.37 -11.82
N PHE A 16 -0.76 0.42 -10.88
CA PHE A 16 -0.39 -0.99 -11.07
C PHE A 16 -1.29 -1.93 -10.24
N LYS A 17 -1.21 -3.23 -10.47
CA LYS A 17 -2.02 -4.28 -9.84
C LYS A 17 -1.15 -5.44 -9.38
N ILE A 18 -1.41 -5.88 -8.16
CA ILE A 18 -0.67 -6.90 -7.39
C ILE A 18 -1.64 -7.79 -6.61
N ASP A 19 -1.15 -8.86 -5.97
CA ASP A 19 -1.99 -9.80 -5.20
C ASP A 19 -1.31 -10.26 -3.91
N ILE A 20 -2.08 -10.33 -2.82
CA ILE A 20 -1.67 -10.79 -1.48
C ILE A 20 -2.83 -11.52 -0.77
N ASP A 21 -2.57 -12.22 0.34
CA ASP A 21 -3.61 -12.89 1.12
C ASP A 21 -4.51 -11.87 1.89
N PRO A 22 -5.85 -11.95 1.82
CA PRO A 22 -6.78 -11.10 2.57
C PRO A 22 -6.54 -11.04 4.10
N GLU A 23 -5.99 -12.10 4.69
CA GLU A 23 -5.70 -12.19 6.13
C GLU A 23 -4.33 -11.59 6.53
N GLU A 24 -3.46 -11.23 5.58
CA GLU A 24 -2.19 -10.56 5.89
C GLU A 24 -2.40 -9.06 6.20
N THR A 25 -1.53 -8.49 7.03
CA THR A 25 -1.56 -7.07 7.41
C THR A 25 -1.05 -6.16 6.28
N VAL A 26 -1.31 -4.86 6.38
CA VAL A 26 -0.90 -3.87 5.34
C VAL A 26 0.61 -3.84 5.14
N LYS A 27 1.42 -4.18 6.16
CA LYS A 27 2.87 -4.39 6.02
C LYS A 27 3.27 -5.34 4.89
N ALA A 28 2.50 -6.40 4.61
CA ALA A 28 2.80 -7.32 3.51
C ALA A 28 2.53 -6.69 2.12
N LEU A 29 1.36 -6.08 1.95
CA LEU A 29 0.97 -5.31 0.78
C LEU A 29 1.90 -4.13 0.50
N LYS A 30 2.43 -3.50 1.55
CA LYS A 30 3.38 -2.39 1.49
C LYS A 30 4.83 -2.83 1.26
N GLU A 31 5.29 -3.93 1.84
CA GLU A 31 6.65 -4.44 1.59
C GLU A 31 6.82 -4.96 0.15
N LYS A 32 5.80 -5.62 -0.42
CA LYS A 32 5.92 -6.30 -1.72
C LYS A 32 6.12 -5.36 -2.91
N ILE A 33 5.68 -4.09 -2.82
CA ILE A 33 5.86 -3.11 -3.90
C ILE A 33 7.26 -2.50 -3.91
N GLU A 34 7.93 -2.40 -2.75
CA GLU A 34 9.34 -1.96 -2.68
C GLU A 34 10.26 -2.89 -3.48
N SER A 35 9.94 -4.19 -3.53
CA SER A 35 10.64 -5.19 -4.36
C SER A 35 10.55 -4.91 -5.87
N GLU A 36 9.56 -4.14 -6.32
CA GLU A 36 9.35 -3.76 -7.72
C GLU A 36 9.86 -2.34 -8.03
N LYS A 37 9.57 -1.38 -7.15
CA LYS A 37 9.73 0.07 -7.41
C LYS A 37 11.00 0.67 -6.81
N GLY A 38 11.62 -0.04 -5.86
CA GLY A 38 12.84 0.37 -5.15
C GLY A 38 12.57 1.29 -3.97
N LYS A 39 13.34 1.11 -2.88
CA LYS A 39 13.25 1.94 -1.65
C LYS A 39 13.59 3.41 -1.89
N ASP A 40 14.32 3.73 -2.96
CA ASP A 40 14.69 5.10 -3.35
C ASP A 40 13.52 5.88 -4.00
N ALA A 41 12.37 5.24 -4.24
CA ALA A 41 11.14 5.85 -4.72
C ALA A 41 9.91 5.55 -3.83
N PHE A 42 9.89 4.41 -3.14
CA PHE A 42 8.86 4.01 -2.17
C PHE A 42 9.47 3.31 -0.94
N PRO A 43 10.14 4.05 -0.02
CA PRO A 43 10.79 3.47 1.15
C PRO A 43 9.78 2.88 2.14
N VAL A 44 9.91 1.62 2.52
CA VAL A 44 8.98 0.95 3.47
C VAL A 44 8.86 1.69 4.81
N ALA A 45 9.97 2.27 5.29
CA ALA A 45 10.03 3.08 6.50
C ALA A 45 9.32 4.45 6.43
N GLY A 46 8.79 4.86 5.27
CA GLY A 46 8.21 6.19 5.04
C GLY A 46 6.95 6.22 4.15
N GLN A 47 6.66 5.18 3.37
CA GLN A 47 5.43 5.10 2.56
C GLN A 47 4.18 4.73 3.39
N LYS A 48 3.02 5.23 2.95
CA LYS A 48 1.68 5.13 3.58
C LYS A 48 0.61 4.91 2.50
N LEU A 49 -0.57 4.40 2.86
CA LEU A 49 -1.65 4.07 1.91
C LEU A 49 -3.04 4.54 2.40
N ILE A 50 -3.94 4.79 1.43
CA ILE A 50 -5.33 5.22 1.62
C ILE A 50 -6.26 4.42 0.69
N TYR A 51 -7.39 3.93 1.20
CA TYR A 51 -8.46 3.33 0.39
C TYR A 51 -9.66 4.27 0.33
N ALA A 52 -9.61 5.23 -0.61
CA ALA A 52 -10.67 6.21 -0.93
C ALA A 52 -11.27 7.00 0.27
N GLY A 53 -10.53 7.11 1.38
CA GLY A 53 -10.96 7.77 2.62
C GLY A 53 -10.64 7.00 3.91
N LYS A 54 -10.20 5.73 3.80
CA LYS A 54 -9.80 4.88 4.94
C LYS A 54 -8.29 4.87 5.07
N ILE A 55 -7.78 4.81 6.30
CA ILE A 55 -6.34 4.79 6.59
C ILE A 55 -5.97 3.33 6.85
N LEU A 56 -5.16 2.76 5.94
CA LEU A 56 -4.78 1.35 5.95
C LEU A 56 -3.70 1.10 7.02
N ASN A 57 -4.16 0.70 8.21
CA ASN A 57 -3.34 0.49 9.41
C ASN A 57 -2.29 -0.63 9.22
N ASP A 58 -1.03 -0.35 9.55
CA ASP A 58 0.09 -1.26 9.26
C ASP A 58 -0.06 -2.67 9.85
N ASP A 59 -0.76 -2.78 10.98
CA ASP A 59 -0.87 -4.00 11.80
C ASP A 59 -2.28 -4.65 11.76
N THR A 60 -3.15 -4.22 10.84
CA THR A 60 -4.51 -4.77 10.67
C THR A 60 -4.67 -5.37 9.27
N ALA A 61 -5.39 -6.50 9.18
CA ALA A 61 -5.51 -7.34 7.99
C ALA A 61 -6.31 -6.70 6.84
N LEU A 62 -5.88 -6.94 5.60
CA LEU A 62 -6.43 -6.42 4.35
C LEU A 62 -7.97 -6.53 4.22
N LYS A 63 -8.57 -7.65 4.61
CA LYS A 63 -10.02 -7.85 4.54
C LYS A 63 -10.86 -6.94 5.44
N GLU A 64 -10.29 -6.40 6.51
CA GLU A 64 -11.01 -5.56 7.49
C GLU A 64 -11.43 -4.21 6.90
N TYR A 65 -10.69 -3.74 5.89
CA TYR A 65 -10.99 -2.51 5.14
C TYR A 65 -11.98 -2.74 3.99
N LYS A 66 -12.34 -4.00 3.72
CA LYS A 66 -13.22 -4.47 2.62
C LYS A 66 -12.79 -3.96 1.24
N ILE A 67 -11.50 -4.07 0.93
CA ILE A 67 -10.93 -3.72 -0.38
C ILE A 67 -11.48 -4.66 -1.46
N ASP A 68 -11.66 -4.16 -2.68
CA ASP A 68 -12.31 -4.87 -3.80
C ASP A 68 -11.42 -4.91 -5.05
N GLU A 69 -11.44 -6.05 -5.77
CA GLU A 69 -10.53 -6.38 -6.86
C GLU A 69 -10.66 -5.50 -8.13
N LYS A 70 -11.71 -4.68 -8.24
CA LYS A 70 -11.90 -3.70 -9.34
C LYS A 70 -11.99 -2.23 -8.85
N ASN A 71 -11.76 -2.00 -7.56
CA ASN A 71 -11.58 -0.67 -6.97
C ASN A 71 -10.06 -0.40 -6.80
N PHE A 72 -9.68 0.81 -6.36
CA PHE A 72 -8.26 1.17 -6.19
C PHE A 72 -7.94 1.93 -4.88
N VAL A 73 -6.65 1.89 -4.54
CA VAL A 73 -5.99 2.38 -3.32
C VAL A 73 -4.91 3.38 -3.76
N VAL A 74 -4.59 4.38 -2.93
CA VAL A 74 -3.59 5.43 -3.24
C VAL A 74 -2.41 5.34 -2.26
N VAL A 75 -1.20 5.27 -2.78
CA VAL A 75 0.07 5.22 -2.01
C VAL A 75 0.70 6.62 -1.98
N MET A 76 1.22 6.99 -0.82
CA MET A 76 1.81 8.30 -0.49
C MET A 76 3.18 8.09 0.20
N VAL A 77 4.07 9.09 0.14
CA VAL A 77 5.46 8.97 0.62
C VAL A 77 5.90 10.24 1.36
N THR A 78 6.65 10.07 2.44
CA THR A 78 7.45 11.07 3.13
C THR A 78 8.74 10.38 3.55
N LYS A 79 9.85 11.12 3.64
CA LYS A 79 11.18 10.52 3.82
C LYS A 79 11.35 9.96 5.25
N PRO A 80 11.97 8.77 5.43
CA PRO A 80 12.14 8.11 6.75
C PRO A 80 12.78 8.93 7.89
N LYS A 81 13.45 10.04 7.57
CA LYS A 81 13.97 11.02 8.55
C LYS A 81 12.87 11.71 9.36
N ALA A 82 11.63 11.74 8.87
CA ALA A 82 10.45 12.21 9.60
C ALA A 82 10.10 11.28 10.79
N VAL A 83 10.36 11.73 12.02
CA VAL A 83 10.19 10.96 13.28
C VAL A 83 9.44 11.73 14.38
N SER A 84 8.92 12.93 14.07
CA SER A 84 8.22 13.84 15.00
C SER A 84 6.88 14.32 14.43
N THR A 85 5.91 14.60 15.31
CA THR A 85 4.54 15.02 14.99
C THR A 85 4.01 16.03 16.02
N GLY A 1 -0.71 -18.78 -1.94
CA GLY A 1 -1.93 -19.27 -2.63
C GLY A 1 -3.20 -18.65 -2.05
N SER A 2 -4.32 -18.78 -2.77
CA SER A 2 -5.65 -18.21 -2.41
C SER A 2 -5.63 -16.70 -2.10
N HIS A 3 -4.77 -15.96 -2.79
CA HIS A 3 -4.60 -14.50 -2.65
C HIS A 3 -5.82 -13.70 -3.13
N MET A 4 -5.86 -12.42 -2.73
CA MET A 4 -6.62 -11.35 -3.39
C MET A 4 -5.65 -10.41 -4.12
N GLN A 5 -6.14 -9.63 -5.08
CA GLN A 5 -5.35 -8.62 -5.77
C GLN A 5 -5.90 -7.20 -5.54
N VAL A 6 -5.01 -6.20 -5.55
CA VAL A 6 -5.32 -4.81 -5.19
C VAL A 6 -4.69 -3.85 -6.20
N THR A 7 -5.36 -2.74 -6.52
CA THR A 7 -4.92 -1.73 -7.51
C THR A 7 -4.49 -0.44 -6.82
N LEU A 8 -3.29 0.05 -7.12
CA LEU A 8 -2.56 1.10 -6.40
C LEU A 8 -2.23 2.28 -7.31
N LYS A 9 -2.70 3.48 -6.95
CA LYS A 9 -2.39 4.75 -7.63
C LYS A 9 -1.29 5.53 -6.89
N THR A 10 -0.37 6.13 -7.62
CA THR A 10 0.78 6.88 -7.07
C THR A 10 0.57 8.40 -7.08
N LEU A 11 1.33 9.12 -6.26
CA LEU A 11 1.43 10.59 -6.33
C LEU A 11 1.97 11.08 -7.69
N GLN A 12 2.75 10.25 -8.36
CA GLN A 12 3.31 10.46 -9.71
C GLN A 12 2.30 10.17 -10.85
N GLN A 13 1.03 9.89 -10.53
CA GLN A 13 -0.08 9.68 -11.47
C GLN A 13 0.11 8.45 -12.37
N GLN A 14 0.46 7.31 -11.75
CA GLN A 14 0.61 5.99 -12.38
C GLN A 14 -0.22 4.98 -11.56
N THR A 15 -0.64 3.87 -12.18
CA THR A 15 -1.39 2.80 -11.51
C THR A 15 -0.81 1.41 -11.82
N PHE A 16 -0.83 0.51 -10.85
CA PHE A 16 -0.39 -0.90 -10.96
C PHE A 16 -1.21 -1.76 -10.02
N LYS A 17 -1.19 -3.08 -10.21
CA LYS A 17 -1.90 -4.04 -9.36
C LYS A 17 -1.10 -5.31 -9.11
N ILE A 18 -1.24 -5.78 -7.87
CA ILE A 18 -0.43 -6.81 -7.21
C ILE A 18 -1.34 -7.72 -6.35
N ASP A 19 -0.81 -8.83 -5.83
CA ASP A 19 -1.60 -9.84 -5.11
C ASP A 19 -0.90 -10.36 -3.85
N ILE A 20 -1.67 -10.50 -2.77
CA ILE A 20 -1.26 -10.95 -1.42
C ILE A 20 -2.40 -11.74 -0.74
N ASP A 21 -2.11 -12.49 0.33
CA ASP A 21 -3.15 -13.18 1.12
C ASP A 21 -4.16 -12.18 1.74
N PRO A 22 -5.49 -12.40 1.62
CA PRO A 22 -6.52 -11.45 2.08
C PRO A 22 -6.57 -11.23 3.60
N GLU A 23 -5.98 -12.12 4.39
CA GLU A 23 -5.94 -12.06 5.85
C GLU A 23 -4.55 -11.66 6.40
N GLU A 24 -3.57 -11.35 5.53
CA GLU A 24 -2.39 -10.60 5.94
C GLU A 24 -2.74 -9.13 6.20
N THR A 25 -1.87 -8.41 6.91
CA THR A 25 -2.03 -6.98 7.18
C THR A 25 -1.45 -6.11 6.07
N VAL A 26 -1.70 -4.79 6.14
CA VAL A 26 -1.10 -3.80 5.22
C VAL A 26 0.44 -3.87 5.17
N LYS A 27 1.11 -4.36 6.23
CA LYS A 27 2.56 -4.63 6.23
C LYS A 27 3.01 -5.47 5.02
N ALA A 28 2.30 -6.54 4.68
CA ALA A 28 2.62 -7.39 3.54
C ALA A 28 2.46 -6.65 2.19
N LEU A 29 1.33 -5.97 1.99
CA LEU A 29 0.98 -5.20 0.81
C LEU A 29 1.93 -4.01 0.59
N LYS A 30 2.35 -3.33 1.67
CA LYS A 30 3.25 -2.17 1.61
C LYS A 30 4.74 -2.52 1.55
N GLU A 31 5.16 -3.67 2.08
CA GLU A 31 6.52 -4.18 1.89
C GLU A 31 6.76 -4.67 0.47
N LYS A 32 5.82 -5.43 -0.12
CA LYS A 32 6.05 -6.09 -1.42
C LYS A 32 6.31 -5.11 -2.58
N ILE A 33 5.72 -3.91 -2.55
CA ILE A 33 5.87 -2.90 -3.61
C ILE A 33 7.20 -2.16 -3.58
N GLU A 34 7.93 -2.17 -2.44
CA GLU A 34 9.35 -1.78 -2.40
C GLU A 34 10.19 -2.63 -3.37
N SER A 35 9.88 -3.92 -3.49
CA SER A 35 10.56 -4.83 -4.43
C SER A 35 10.13 -4.64 -5.90
N GLU A 36 9.03 -3.93 -6.17
CA GLU A 36 8.53 -3.69 -7.54
C GLU A 36 9.09 -2.40 -8.16
N LYS A 37 9.35 -1.37 -7.34
CA LYS A 37 9.69 0.00 -7.79
C LYS A 37 10.92 0.62 -7.11
N GLY A 38 11.44 -0.02 -6.06
CA GLY A 38 12.76 0.24 -5.47
C GLY A 38 12.72 1.02 -4.16
N LYS A 39 13.58 0.61 -3.21
CA LYS A 39 13.90 1.27 -1.94
C LYS A 39 14.17 2.77 -2.07
N ASP A 40 14.81 3.18 -3.18
CA ASP A 40 15.19 4.56 -3.50
C ASP A 40 14.02 5.52 -3.79
N ALA A 41 12.81 4.99 -4.05
CA ALA A 41 11.61 5.77 -4.38
C ALA A 41 10.33 5.34 -3.64
N PHE A 42 10.29 4.11 -3.11
CA PHE A 42 9.16 3.49 -2.41
C PHE A 42 9.61 2.74 -1.13
N PRO A 43 10.28 3.42 -0.16
CA PRO A 43 10.81 2.79 1.06
C PRO A 43 9.69 2.43 2.06
N VAL A 44 9.74 1.21 2.61
CA VAL A 44 8.78 0.70 3.63
C VAL A 44 8.57 1.65 4.82
N ALA A 45 9.67 2.15 5.37
CA ALA A 45 9.71 3.00 6.56
C ALA A 45 9.20 4.43 6.33
N GLY A 46 8.96 4.82 5.07
CA GLY A 46 8.59 6.17 4.67
C GLY A 46 7.43 6.22 3.67
N GLN A 47 6.55 5.20 3.67
CA GLN A 47 5.35 5.21 2.80
C GLN A 47 4.07 4.68 3.47
N LYS A 48 2.94 5.19 2.98
CA LYS A 48 1.58 5.08 3.57
C LYS A 48 0.52 4.85 2.49
N LEU A 49 -0.64 4.31 2.87
CA LEU A 49 -1.76 3.96 1.99
C LEU A 49 -3.09 4.60 2.46
N ILE A 50 -3.99 4.87 1.50
CA ILE A 50 -5.39 5.30 1.71
C ILE A 50 -6.32 4.51 0.78
N TYR A 51 -7.45 4.05 1.28
CA TYR A 51 -8.52 3.42 0.47
C TYR A 51 -9.77 4.30 0.48
N ALA A 52 -9.81 5.27 -0.45
CA ALA A 52 -10.92 6.20 -0.71
C ALA A 52 -11.49 6.95 0.53
N GLY A 53 -10.68 7.12 1.57
CA GLY A 53 -11.05 7.77 2.85
C GLY A 53 -10.73 6.95 4.11
N LYS A 54 -10.27 5.69 3.97
CA LYS A 54 -9.90 4.79 5.06
C LYS A 54 -8.38 4.80 5.24
N ILE A 55 -7.92 4.81 6.48
CA ILE A 55 -6.51 5.00 6.86
C ILE A 55 -5.90 3.62 7.15
N LEU A 56 -5.36 3.00 6.09
CA LEU A 56 -4.79 1.65 6.10
C LEU A 56 -3.63 1.51 7.12
N ASN A 57 -3.61 0.41 7.85
CA ASN A 57 -2.81 0.23 9.06
C ASN A 57 -2.01 -1.10 9.08
N ASP A 58 -0.72 -1.02 9.44
CA ASP A 58 0.25 -2.12 9.37
C ASP A 58 -0.03 -3.35 10.26
N ASP A 59 -0.87 -3.19 11.29
CA ASP A 59 -1.29 -4.28 12.21
C ASP A 59 -2.79 -4.64 12.11
N THR A 60 -3.45 -4.25 11.01
CA THR A 60 -4.86 -4.56 10.70
C THR A 60 -4.95 -5.33 9.39
N ALA A 61 -5.72 -6.43 9.35
CA ALA A 61 -5.82 -7.32 8.20
C ALA A 61 -6.59 -6.69 7.04
N LEU A 62 -6.17 -6.95 5.80
CA LEU A 62 -6.66 -6.26 4.61
C LEU A 62 -8.17 -6.42 4.36
N LYS A 63 -8.75 -7.59 4.64
CA LYS A 63 -10.20 -7.82 4.55
C LYS A 63 -11.04 -6.99 5.54
N GLU A 64 -10.45 -6.42 6.60
CA GLU A 64 -11.14 -5.49 7.51
C GLU A 64 -11.40 -4.12 6.85
N TYR A 65 -10.60 -3.77 5.83
CA TYR A 65 -10.81 -2.57 4.98
C TYR A 65 -11.74 -2.82 3.78
N LYS A 66 -12.17 -4.07 3.56
CA LYS A 66 -13.05 -4.54 2.46
C LYS A 66 -12.60 -4.04 1.08
N ILE A 67 -11.28 -4.10 0.83
CA ILE A 67 -10.66 -3.72 -0.45
C ILE A 67 -11.11 -4.68 -1.57
N ASP A 68 -11.14 -4.21 -2.81
CA ASP A 68 -11.69 -4.94 -3.97
C ASP A 68 -10.72 -4.87 -5.18
N GLU A 69 -10.74 -5.92 -6.02
CA GLU A 69 -9.81 -6.10 -7.15
C GLU A 69 -10.07 -5.19 -8.37
N LYS A 70 -11.19 -4.47 -8.39
CA LYS A 70 -11.57 -3.49 -9.44
C LYS A 70 -12.00 -2.12 -8.89
N ASN A 71 -11.77 -1.89 -7.60
CA ASN A 71 -11.57 -0.56 -7.02
C ASN A 71 -10.06 -0.32 -6.82
N PHE A 72 -9.66 0.88 -6.36
CA PHE A 72 -8.25 1.23 -6.15
C PHE A 72 -8.01 2.05 -4.88
N VAL A 73 -6.75 2.04 -4.44
CA VAL A 73 -6.20 2.66 -3.23
C VAL A 73 -5.00 3.52 -3.63
N VAL A 74 -4.71 4.59 -2.89
CA VAL A 74 -3.59 5.52 -3.18
C VAL A 74 -2.41 5.18 -2.27
N VAL A 75 -1.21 5.10 -2.84
CA VAL A 75 0.08 5.03 -2.12
C VAL A 75 0.74 6.41 -2.07
N MET A 76 1.31 6.76 -0.92
CA MET A 76 1.89 8.07 -0.63
C MET A 76 3.25 7.90 0.09
N VAL A 77 4.12 8.91 0.02
CA VAL A 77 5.46 8.88 0.64
C VAL A 77 5.54 9.96 1.72
N THR A 78 5.36 9.54 2.97
CA THR A 78 5.45 10.36 4.19
C THR A 78 6.11 9.55 5.31
N LYS A 79 6.82 10.23 6.23
CA LYS A 79 7.68 9.58 7.25
C LYS A 79 7.12 9.77 8.67
N PRO A 80 6.43 8.76 9.23
CA PRO A 80 5.95 8.77 10.63
C PRO A 80 7.08 8.51 11.63
N LYS A 81 6.75 8.58 12.93
CA LYS A 81 7.63 8.29 14.08
C LYS A 81 6.92 7.39 15.09
N ALA A 82 7.72 6.72 15.94
CA ALA A 82 7.25 5.76 16.94
C ALA A 82 8.03 5.94 18.26
N VAL A 83 7.39 6.63 19.21
CA VAL A 83 7.94 6.94 20.56
C VAL A 83 7.09 6.37 21.72
N SER A 84 5.93 5.80 21.41
CA SER A 84 5.08 5.02 22.33
C SER A 84 4.63 3.70 21.67
N THR A 85 4.40 2.66 22.47
CA THR A 85 4.05 1.28 22.04
C THR A 85 3.08 0.60 23.01
N GLY A 1 -3.89 -18.76 1.88
CA GLY A 1 -5.20 -19.07 1.27
C GLY A 1 -5.26 -18.68 -0.19
N SER A 2 -6.47 -18.42 -0.71
CA SER A 2 -6.77 -18.25 -2.14
C SER A 2 -6.20 -16.98 -2.82
N HIS A 3 -5.60 -16.07 -2.05
CA HIS A 3 -5.19 -14.70 -2.45
C HIS A 3 -6.33 -13.78 -2.93
N MET A 4 -6.02 -12.48 -2.96
CA MET A 4 -6.86 -11.37 -3.42
C MET A 4 -5.97 -10.37 -4.18
N GLN A 5 -6.52 -9.65 -5.16
CA GLN A 5 -5.78 -8.69 -6.00
C GLN A 5 -6.31 -7.26 -5.85
N VAL A 6 -5.43 -6.27 -6.00
CA VAL A 6 -5.75 -4.85 -5.75
C VAL A 6 -5.12 -3.96 -6.82
N THR A 7 -5.74 -2.83 -7.12
CA THR A 7 -5.23 -1.78 -8.03
C THR A 7 -4.65 -0.64 -7.20
N LEU A 8 -3.39 -0.25 -7.45
CA LEU A 8 -2.64 0.72 -6.63
C LEU A 8 -2.23 1.94 -7.45
N LYS A 9 -2.63 3.14 -7.03
CA LYS A 9 -2.23 4.43 -7.60
C LYS A 9 -1.14 5.09 -6.76
N THR A 10 -0.15 5.69 -7.40
CA THR A 10 0.93 6.42 -6.73
C THR A 10 0.69 7.94 -6.76
N LEU A 11 1.29 8.67 -5.81
CA LEU A 11 1.37 10.14 -5.88
C LEU A 11 2.09 10.68 -7.13
N GLN A 12 2.90 9.84 -7.80
CA GLN A 12 3.60 10.13 -9.06
C GLN A 12 2.70 9.93 -10.31
N GLN A 13 1.39 9.71 -10.12
CA GLN A 13 0.37 9.55 -11.18
C GLN A 13 0.62 8.32 -12.09
N GLN A 14 0.78 7.15 -11.48
CA GLN A 14 0.97 5.85 -12.12
C GLN A 14 0.06 4.83 -11.40
N THR A 15 -0.42 3.79 -12.10
CA THR A 15 -1.28 2.75 -11.52
C THR A 15 -0.82 1.35 -11.91
N PHE A 16 -0.91 0.39 -10.98
CA PHE A 16 -0.49 -1.01 -11.18
C PHE A 16 -1.40 -2.00 -10.44
N LYS A 17 -1.19 -3.30 -10.69
CA LYS A 17 -2.01 -4.43 -10.24
C LYS A 17 -1.12 -5.47 -9.58
N ILE A 18 -1.47 -5.88 -8.36
CA ILE A 18 -0.76 -6.87 -7.55
C ILE A 18 -1.72 -7.80 -6.80
N ASP A 19 -1.21 -8.88 -6.20
CA ASP A 19 -1.98 -9.84 -5.40
C ASP A 19 -1.21 -10.31 -4.17
N ILE A 20 -1.92 -10.44 -3.05
CA ILE A 20 -1.45 -10.89 -1.72
C ILE A 20 -2.56 -11.68 -1.01
N ASP A 21 -2.28 -12.35 0.11
CA ASP A 21 -3.34 -12.96 0.93
C ASP A 21 -4.18 -11.90 1.68
N PRO A 22 -5.53 -11.91 1.60
CA PRO A 22 -6.38 -10.88 2.21
C PRO A 22 -6.40 -10.87 3.74
N GLU A 23 -5.88 -11.90 4.41
CA GLU A 23 -5.77 -11.96 5.87
C GLU A 23 -4.34 -11.64 6.38
N GLU A 24 -3.40 -11.29 5.49
CA GLU A 24 -2.19 -10.58 5.89
C GLU A 24 -2.50 -9.11 6.23
N THR A 25 -1.61 -8.44 6.96
CA THR A 25 -1.73 -7.01 7.28
C THR A 25 -1.23 -6.14 6.13
N VAL A 26 -1.48 -4.82 6.21
CA VAL A 26 -1.00 -3.84 5.20
C VAL A 26 0.53 -3.90 5.03
N LYS A 27 1.30 -4.29 6.05
CA LYS A 27 2.75 -4.51 5.96
C LYS A 27 3.13 -5.41 4.76
N ALA A 28 2.43 -6.51 4.51
CA ALA A 28 2.70 -7.40 3.37
C ALA A 28 2.50 -6.69 2.01
N LEU A 29 1.33 -6.07 1.82
CA LEU A 29 0.96 -5.29 0.65
C LEU A 29 1.88 -4.08 0.39
N LYS A 30 2.38 -3.46 1.46
CA LYS A 30 3.31 -2.33 1.42
C LYS A 30 4.77 -2.71 1.20
N GLU A 31 5.24 -3.82 1.78
CA GLU A 31 6.61 -4.31 1.54
C GLU A 31 6.79 -4.86 0.12
N LYS A 32 5.79 -5.57 -0.44
CA LYS A 32 5.92 -6.22 -1.75
C LYS A 32 6.19 -5.26 -2.92
N ILE A 33 5.71 -4.01 -2.86
CA ILE A 33 5.93 -3.00 -3.91
C ILE A 33 7.32 -2.35 -3.83
N GLU A 34 7.94 -2.28 -2.64
CA GLU A 34 9.34 -1.88 -2.50
C GLU A 34 10.28 -2.86 -3.24
N SER A 35 9.95 -4.16 -3.23
CA SER A 35 10.69 -5.19 -4.00
C SER A 35 10.60 -5.00 -5.53
N GLU A 36 9.59 -4.27 -6.03
CA GLU A 36 9.36 -4.03 -7.46
C GLU A 36 9.83 -2.63 -7.94
N LYS A 37 9.76 -1.60 -7.08
CA LYS A 37 9.97 -0.19 -7.44
C LYS A 37 11.11 0.49 -6.66
N GLY A 38 11.63 -0.17 -5.63
CA GLY A 38 12.83 0.21 -4.87
C GLY A 38 12.57 1.21 -3.74
N LYS A 39 13.35 1.08 -2.64
CA LYS A 39 13.29 1.99 -1.49
C LYS A 39 13.73 3.43 -1.81
N ASP A 40 14.43 3.62 -2.92
CA ASP A 40 14.81 4.94 -3.45
C ASP A 40 13.59 5.81 -3.86
N ALA A 41 12.42 5.19 -4.08
CA ALA A 41 11.18 5.87 -4.46
C ALA A 41 9.97 5.50 -3.57
N PHE A 42 10.00 4.33 -2.90
CA PHE A 42 8.92 3.81 -2.05
C PHE A 42 9.48 3.15 -0.77
N PRO A 43 10.18 3.90 0.11
CA PRO A 43 10.80 3.35 1.33
C PRO A 43 9.74 2.84 2.31
N VAL A 44 9.84 1.59 2.76
CA VAL A 44 8.86 0.94 3.67
C VAL A 44 8.66 1.71 4.98
N ALA A 45 9.74 2.25 5.55
CA ALA A 45 9.73 3.07 6.76
C ALA A 45 9.18 4.50 6.55
N GLY A 46 8.89 4.90 5.31
CA GLY A 46 8.50 6.26 4.93
C GLY A 46 7.35 6.31 3.91
N GLN A 47 6.54 5.25 3.79
CA GLN A 47 5.34 5.22 2.94
C GLN A 47 4.05 4.85 3.70
N LYS A 48 2.92 5.38 3.19
CA LYS A 48 1.57 5.38 3.79
C LYS A 48 0.51 5.12 2.71
N LEU A 49 -0.68 4.65 3.11
CA LEU A 49 -1.74 4.17 2.23
C LEU A 49 -3.15 4.64 2.61
N ILE A 50 -4.00 4.79 1.60
CA ILE A 50 -5.42 5.21 1.67
C ILE A 50 -6.26 4.28 0.79
N TYR A 51 -7.48 3.95 1.23
CA TYR A 51 -8.47 3.23 0.42
C TYR A 51 -9.79 4.00 0.34
N ALA A 52 -9.92 4.81 -0.72
CA ALA A 52 -11.14 5.54 -1.11
C ALA A 52 -11.81 6.41 -0.01
N GLY A 53 -11.05 6.83 1.02
CA GLY A 53 -11.55 7.64 2.14
C GLY A 53 -11.17 7.14 3.55
N LYS A 54 -10.49 5.99 3.67
CA LYS A 54 -10.05 5.40 4.95
C LYS A 54 -8.54 5.15 4.96
N ILE A 55 -7.93 5.15 6.15
CA ILE A 55 -6.47 5.09 6.33
C ILE A 55 -6.09 3.64 6.66
N LEU A 56 -5.20 3.07 5.84
CA LEU A 56 -4.67 1.71 6.01
C LEU A 56 -3.54 1.67 7.06
N ASN A 57 -3.46 0.57 7.81
CA ASN A 57 -2.58 0.40 8.98
C ASN A 57 -1.75 -0.90 8.94
N ASP A 58 -0.46 -0.77 9.24
CA ASP A 58 0.58 -1.81 9.13
C ASP A 58 0.31 -3.11 9.91
N ASP A 59 -0.51 -3.07 10.97
CA ASP A 59 -0.82 -4.23 11.83
C ASP A 59 -2.32 -4.62 11.84
N THR A 60 -3.10 -4.11 10.87
CA THR A 60 -4.51 -4.45 10.65
C THR A 60 -4.65 -5.26 9.36
N ALA A 61 -5.42 -6.35 9.38
CA ALA A 61 -5.56 -7.26 8.24
C ALA A 61 -6.35 -6.63 7.09
N LEU A 62 -5.94 -6.91 5.85
CA LEU A 62 -6.46 -6.23 4.65
C LEU A 62 -7.99 -6.40 4.45
N LYS A 63 -8.55 -7.58 4.79
CA LYS A 63 -10.00 -7.82 4.76
C LYS A 63 -10.82 -6.97 5.75
N GLU A 64 -10.20 -6.41 6.80
CA GLU A 64 -10.87 -5.49 7.73
C GLU A 64 -11.15 -4.12 7.07
N TYR A 65 -10.39 -3.78 6.03
CA TYR A 65 -10.63 -2.60 5.17
C TYR A 65 -11.60 -2.86 4.01
N LYS A 66 -12.05 -4.13 3.85
CA LYS A 66 -13.00 -4.60 2.83
C LYS A 66 -12.63 -4.16 1.39
N ILE A 67 -11.35 -4.24 1.06
CA ILE A 67 -10.80 -3.85 -0.26
C ILE A 67 -11.40 -4.71 -1.39
N ASP A 68 -11.57 -4.10 -2.56
CA ASP A 68 -12.22 -4.69 -3.74
C ASP A 68 -11.35 -4.50 -4.99
N GLU A 69 -11.24 -5.56 -5.79
CA GLU A 69 -10.34 -5.63 -6.97
C GLU A 69 -10.75 -4.72 -8.15
N LYS A 70 -11.97 -4.17 -8.15
CA LYS A 70 -12.49 -3.26 -9.19
C LYS A 70 -12.43 -1.78 -8.76
N ASN A 71 -12.10 -1.55 -7.50
CA ASN A 71 -11.74 -0.25 -6.91
C ASN A 71 -10.20 -0.14 -6.80
N PHE A 72 -9.69 0.98 -6.27
CA PHE A 72 -8.25 1.19 -6.08
C PHE A 72 -7.87 1.82 -4.74
N VAL A 73 -6.60 1.63 -4.39
CA VAL A 73 -5.89 2.11 -3.20
C VAL A 73 -4.85 3.15 -3.65
N VAL A 74 -4.54 4.11 -2.82
CA VAL A 74 -3.55 5.19 -3.10
C VAL A 74 -2.37 5.05 -2.15
N VAL A 75 -1.14 5.18 -2.67
CA VAL A 75 0.12 5.07 -1.93
C VAL A 75 0.89 6.39 -1.98
N MET A 76 1.42 6.83 -0.84
CA MET A 76 2.10 8.13 -0.66
C MET A 76 3.35 7.98 0.20
N VAL A 77 4.29 8.94 0.14
CA VAL A 77 5.54 8.95 0.89
C VAL A 77 5.78 10.26 1.64
N THR A 78 6.62 10.23 2.66
CA THR A 78 7.09 11.42 3.38
C THR A 78 8.57 11.33 3.74
N LYS A 79 9.43 12.24 3.25
CA LYS A 79 9.22 13.24 2.17
C LYS A 79 10.46 13.62 1.32
N PRO A 80 11.72 13.68 1.81
CA PRO A 80 12.22 13.56 3.20
C PRO A 80 11.91 14.79 4.08
N LYS A 81 11.92 14.57 5.41
CA LYS A 81 11.78 15.53 6.54
C LYS A 81 10.52 16.39 6.62
N ALA A 82 10.04 16.97 5.51
CA ALA A 82 8.90 17.88 5.48
C ALA A 82 7.56 17.17 5.78
N VAL A 83 6.94 17.50 6.91
CA VAL A 83 5.62 17.00 7.36
C VAL A 83 4.84 18.16 8.00
N SER A 84 3.53 18.24 7.72
CA SER A 84 2.64 19.32 8.17
C SER A 84 1.35 18.79 8.81
N THR A 85 0.79 19.56 9.76
CA THR A 85 -0.47 19.26 10.48
C THR A 85 -1.18 20.54 10.92
N GLY A 1 -10.44 -17.77 0.04
CA GLY A 1 -9.41 -17.79 -1.03
C GLY A 1 -8.02 -17.50 -0.47
N SER A 2 -6.97 -18.09 -1.07
CA SER A 2 -5.56 -17.94 -0.66
C SER A 2 -4.98 -16.53 -0.84
N HIS A 3 -5.59 -15.71 -1.70
CA HIS A 3 -5.14 -14.37 -2.07
C HIS A 3 -6.32 -13.48 -2.52
N MET A 4 -6.07 -12.17 -2.58
CA MET A 4 -6.92 -11.17 -3.23
C MET A 4 -6.05 -10.16 -3.98
N GLN A 5 -6.60 -9.56 -5.04
CA GLN A 5 -5.89 -8.63 -5.93
C GLN A 5 -6.44 -7.21 -5.79
N VAL A 6 -5.57 -6.20 -5.84
CA VAL A 6 -5.89 -4.78 -5.66
C VAL A 6 -5.11 -3.93 -6.68
N THR A 7 -5.72 -2.84 -7.12
CA THR A 7 -5.16 -1.86 -8.06
C THR A 7 -4.65 -0.66 -7.28
N LEU A 8 -3.39 -0.28 -7.48
CA LEU A 8 -2.66 0.70 -6.66
C LEU A 8 -2.18 1.84 -7.56
N LYS A 9 -2.48 3.09 -7.19
CA LYS A 9 -1.99 4.30 -7.88
C LYS A 9 -1.07 5.14 -7.00
N THR A 10 -0.14 5.86 -7.61
CA THR A 10 0.93 6.57 -6.90
C THR A 10 0.65 8.06 -6.73
N LEU A 11 1.38 8.70 -5.81
CA LEU A 11 1.57 10.16 -5.73
C LEU A 11 2.22 10.80 -6.99
N GLN A 12 2.53 10.02 -8.02
CA GLN A 12 3.08 10.44 -9.31
C GLN A 12 2.19 9.98 -10.49
N GLN A 13 0.91 9.68 -10.21
CA GLN A 13 -0.17 9.44 -11.18
C GLN A 13 0.13 8.30 -12.18
N GLN A 14 0.55 7.15 -11.65
CA GLN A 14 0.76 5.89 -12.36
C GLN A 14 0.09 4.76 -11.57
N THR A 15 -0.38 3.69 -12.23
CA THR A 15 -1.19 2.64 -11.61
C THR A 15 -0.71 1.23 -11.99
N PHE A 16 -0.73 0.31 -11.03
CA PHE A 16 -0.24 -1.07 -11.14
C PHE A 16 -1.11 -2.01 -10.27
N LYS A 17 -1.04 -3.33 -10.49
CA LYS A 17 -1.90 -4.32 -9.80
C LYS A 17 -1.09 -5.41 -9.11
N ILE A 18 -1.54 -5.73 -7.90
CA ILE A 18 -0.82 -6.47 -6.85
C ILE A 18 -1.77 -7.50 -6.22
N ASP A 19 -1.23 -8.61 -5.70
CA ASP A 19 -2.00 -9.62 -4.95
C ASP A 19 -1.21 -10.11 -3.73
N ILE A 20 -1.92 -10.26 -2.61
CA ILE A 20 -1.43 -10.77 -1.30
C ILE A 20 -2.56 -11.56 -0.60
N ASP A 21 -2.26 -12.27 0.49
CA ASP A 21 -3.25 -12.96 1.33
C ASP A 21 -4.28 -11.95 1.94
N PRO A 22 -5.60 -12.22 1.88
CA PRO A 22 -6.64 -11.29 2.34
C PRO A 22 -6.64 -11.04 3.86
N GLU A 23 -5.96 -11.90 4.65
CA GLU A 23 -5.86 -11.82 6.11
C GLU A 23 -4.44 -11.50 6.59
N GLU A 24 -3.46 -11.28 5.69
CA GLU A 24 -2.24 -10.54 6.04
C GLU A 24 -2.55 -9.06 6.27
N THR A 25 -1.66 -8.36 7.00
CA THR A 25 -1.76 -6.92 7.25
C THR A 25 -1.15 -6.10 6.11
N VAL A 26 -1.35 -4.78 6.13
CA VAL A 26 -0.74 -3.86 5.15
C VAL A 26 0.78 -3.95 5.12
N LYS A 27 1.44 -4.44 6.18
CA LYS A 27 2.87 -4.81 6.19
C LYS A 27 3.27 -5.62 4.95
N ALA A 28 2.49 -6.64 4.60
CA ALA A 28 2.81 -7.53 3.47
C ALA A 28 2.58 -6.88 2.09
N LEU A 29 1.49 -6.11 1.96
CA LEU A 29 1.16 -5.31 0.78
C LEU A 29 2.22 -4.22 0.55
N LYS A 30 2.69 -3.56 1.59
CA LYS A 30 3.69 -2.48 1.50
C LYS A 30 5.14 -2.94 1.43
N GLU A 31 5.50 -4.08 2.03
CA GLU A 31 6.85 -4.65 1.85
C GLU A 31 7.10 -5.10 0.41
N LYS A 32 6.09 -5.69 -0.25
CA LYS A 32 6.28 -6.30 -1.58
C LYS A 32 6.49 -5.29 -2.70
N ILE A 33 5.84 -4.11 -2.65
CA ILE A 33 5.93 -3.11 -3.73
C ILE A 33 7.28 -2.37 -3.75
N GLU A 34 8.03 -2.37 -2.64
CA GLU A 34 9.42 -1.89 -2.62
C GLU A 34 10.31 -2.72 -3.56
N SER A 35 10.03 -4.01 -3.76
CA SER A 35 10.72 -4.85 -4.74
C SER A 35 10.41 -4.47 -6.20
N GLU A 36 9.36 -3.68 -6.45
CA GLU A 36 8.93 -3.25 -7.78
C GLU A 36 9.38 -1.82 -8.13
N LYS A 37 9.50 -0.93 -7.13
CA LYS A 37 9.72 0.52 -7.31
C LYS A 37 10.86 1.12 -6.46
N GLY A 38 11.39 0.35 -5.52
CA GLY A 38 12.64 0.62 -4.79
C GLY A 38 12.52 1.53 -3.57
N LYS A 39 13.52 1.39 -2.67
CA LYS A 39 13.78 2.25 -1.51
C LYS A 39 13.86 3.74 -1.86
N ASP A 40 14.31 4.05 -3.08
CA ASP A 40 14.47 5.42 -3.60
C ASP A 40 13.15 6.20 -3.76
N ALA A 41 11.99 5.51 -3.83
CA ALA A 41 10.68 6.13 -4.07
C ALA A 41 9.56 5.62 -3.15
N PHE A 42 9.63 4.39 -2.66
CA PHE A 42 8.61 3.77 -1.78
C PHE A 42 9.26 2.99 -0.63
N PRO A 43 10.05 3.64 0.25
CA PRO A 43 10.73 2.98 1.36
C PRO A 43 9.73 2.43 2.38
N VAL A 44 9.85 1.15 2.74
CA VAL A 44 9.04 0.49 3.81
C VAL A 44 9.09 1.24 5.15
N ALA A 45 10.17 1.98 5.41
CA ALA A 45 10.35 2.84 6.59
C ALA A 45 9.52 4.14 6.61
N GLY A 46 8.84 4.51 5.51
CA GLY A 46 8.11 5.79 5.40
C GLY A 46 6.98 5.86 4.36
N GLN A 47 6.74 4.82 3.55
CA GLN A 47 5.58 4.81 2.65
C GLN A 47 4.24 4.70 3.42
N LYS A 48 3.16 5.18 2.80
CA LYS A 48 1.81 5.32 3.36
C LYS A 48 0.75 4.95 2.31
N LEU A 49 -0.44 4.51 2.71
CA LEU A 49 -1.51 4.03 1.83
C LEU A 49 -2.89 4.55 2.28
N ILE A 50 -3.82 4.69 1.33
CA ILE A 50 -5.22 5.11 1.53
C ILE A 50 -6.15 4.31 0.60
N TYR A 51 -7.29 3.84 1.11
CA TYR A 51 -8.37 3.25 0.30
C TYR A 51 -9.56 4.21 0.25
N ALA A 52 -9.50 5.17 -0.70
CA ALA A 52 -10.53 6.17 -1.02
C ALA A 52 -11.12 6.96 0.19
N GLY A 53 -10.36 7.08 1.29
CA GLY A 53 -10.77 7.75 2.53
C GLY A 53 -10.50 6.94 3.81
N LYS A 54 -10.08 5.68 3.71
CA LYS A 54 -9.76 4.79 4.85
C LYS A 54 -8.25 4.74 5.06
N ILE A 55 -7.81 4.64 6.31
CA ILE A 55 -6.41 4.76 6.71
C ILE A 55 -5.82 3.35 6.88
N LEU A 56 -5.27 2.81 5.79
CA LEU A 56 -4.63 1.50 5.75
C LEU A 56 -3.45 1.43 6.74
N ASN A 57 -3.40 0.37 7.53
CA ASN A 57 -2.64 0.28 8.78
C ASN A 57 -1.77 -0.99 8.85
N ASP A 58 -0.51 -0.83 9.26
CA ASP A 58 0.54 -1.86 9.28
C ASP A 58 0.22 -3.10 10.15
N ASP A 59 -0.76 -3.01 11.06
CA ASP A 59 -1.10 -4.03 12.05
C ASP A 59 -2.58 -4.49 11.95
N THR A 60 -3.29 -4.12 10.87
CA THR A 60 -4.68 -4.52 10.60
C THR A 60 -4.79 -5.16 9.21
N ALA A 61 -5.58 -6.24 9.13
CA ALA A 61 -5.65 -7.14 7.97
C ALA A 61 -6.41 -6.54 6.76
N LEU A 62 -5.96 -6.89 5.55
CA LEU A 62 -6.51 -6.43 4.26
C LEU A 62 -8.05 -6.46 4.16
N LYS A 63 -8.69 -7.57 4.52
CA LYS A 63 -10.16 -7.71 4.45
C LYS A 63 -10.95 -6.81 5.43
N GLU A 64 -10.33 -6.29 6.49
CA GLU A 64 -10.99 -5.38 7.44
C GLU A 64 -11.31 -4.01 6.82
N TYR A 65 -10.54 -3.61 5.80
CA TYR A 65 -10.80 -2.37 5.03
C TYR A 65 -11.88 -2.56 3.94
N LYS A 66 -12.35 -3.80 3.74
CA LYS A 66 -13.32 -4.23 2.71
C LYS A 66 -12.94 -3.77 1.29
N ILE A 67 -11.66 -3.93 0.94
CA ILE A 67 -11.12 -3.59 -0.40
C ILE A 67 -11.77 -4.49 -1.47
N ASP A 68 -11.96 -3.95 -2.68
CA ASP A 68 -12.63 -4.62 -3.80
C ASP A 68 -11.71 -4.70 -5.04
N GLU A 69 -11.74 -5.84 -5.73
CA GLU A 69 -10.78 -6.21 -6.78
C GLU A 69 -10.90 -5.40 -8.11
N LYS A 70 -11.95 -4.57 -8.26
CA LYS A 70 -12.09 -3.61 -9.38
C LYS A 70 -12.11 -2.14 -8.93
N ASN A 71 -11.88 -1.88 -7.64
CA ASN A 71 -11.64 -0.54 -7.09
C ASN A 71 -10.11 -0.33 -6.92
N PHE A 72 -9.68 0.86 -6.51
CA PHE A 72 -8.25 1.18 -6.34
C PHE A 72 -7.91 1.88 -5.02
N VAL A 73 -6.62 1.80 -4.68
CA VAL A 73 -5.94 2.28 -3.47
C VAL A 73 -4.85 3.27 -3.91
N VAL A 74 -4.53 4.26 -3.08
CA VAL A 74 -3.49 5.26 -3.35
C VAL A 74 -2.30 5.04 -2.42
N VAL A 75 -1.08 5.23 -2.94
CA VAL A 75 0.20 4.99 -2.24
C VAL A 75 1.06 6.26 -2.31
N MET A 76 1.60 6.64 -1.15
CA MET A 76 2.27 7.92 -0.86
C MET A 76 3.51 7.68 0.01
N VAL A 77 4.24 8.75 0.37
CA VAL A 77 5.23 8.75 1.44
C VAL A 77 4.95 9.84 2.47
N THR A 78 5.37 9.63 3.71
CA THR A 78 5.35 10.60 4.81
C THR A 78 6.64 10.46 5.63
N LYS A 79 6.85 11.38 6.58
CA LYS A 79 7.69 11.23 7.78
C LYS A 79 8.16 9.78 8.07
N PRO A 80 9.47 9.46 7.95
CA PRO A 80 10.03 8.17 8.36
C PRO A 80 9.68 7.76 9.80
N LYS A 81 9.57 6.45 10.05
CA LYS A 81 9.05 5.85 11.30
C LYS A 81 9.73 6.28 12.61
N ALA A 82 10.98 6.73 12.58
CA ALA A 82 11.72 7.23 13.73
C ALA A 82 11.17 8.59 14.21
N VAL A 83 10.35 8.60 15.26
CA VAL A 83 9.70 9.80 15.82
C VAL A 83 9.65 9.74 17.37
N SER A 84 9.59 10.91 18.01
CA SER A 84 9.57 11.09 19.48
C SER A 84 8.44 12.00 19.93
N THR A 85 7.93 11.78 21.15
CA THR A 85 6.91 12.61 21.83
C THR A 85 7.35 14.06 22.05
N GLY A 1 -4.11 -20.30 -5.15
CA GLY A 1 -4.29 -20.36 -3.68
C GLY A 1 -5.28 -19.31 -3.18
N SER A 2 -5.24 -19.03 -1.88
CA SER A 2 -6.17 -18.11 -1.16
C SER A 2 -5.93 -16.61 -1.43
N HIS A 3 -4.92 -16.26 -2.24
CA HIS A 3 -4.57 -14.90 -2.65
C HIS A 3 -5.72 -14.11 -3.32
N MET A 4 -5.63 -12.79 -3.23
CA MET A 4 -6.56 -11.80 -3.81
C MET A 4 -5.76 -10.61 -4.38
N GLN A 5 -6.31 -9.90 -5.35
CA GLN A 5 -5.60 -8.80 -6.04
C GLN A 5 -6.01 -7.43 -5.51
N VAL A 6 -5.10 -6.44 -5.64
CA VAL A 6 -5.37 -5.02 -5.32
C VAL A 6 -4.76 -4.13 -6.41
N THR A 7 -5.42 -3.01 -6.72
CA THR A 7 -4.96 -1.99 -7.68
C THR A 7 -4.49 -0.76 -6.92
N LEU A 8 -3.28 -0.27 -7.23
CA LEU A 8 -2.58 0.77 -6.49
C LEU A 8 -2.25 1.98 -7.39
N LYS A 9 -2.67 3.17 -6.97
CA LYS A 9 -2.27 4.47 -7.55
C LYS A 9 -1.18 5.12 -6.69
N THR A 10 -0.44 6.08 -7.25
CA THR A 10 0.65 6.78 -6.54
C THR A 10 0.65 8.29 -6.83
N LEU A 11 1.39 9.05 -6.00
CA LEU A 11 1.60 10.50 -6.18
C LEU A 11 2.26 10.87 -7.53
N GLN A 12 2.95 9.91 -8.15
CA GLN A 12 3.61 10.03 -9.46
C GLN A 12 2.63 9.89 -10.66
N GLN A 13 1.31 9.85 -10.42
CA GLN A 13 0.26 9.83 -11.45
C GLN A 13 0.30 8.58 -12.36
N GLN A 14 0.45 7.40 -11.73
CA GLN A 14 0.47 6.09 -12.37
C GLN A 14 -0.31 5.06 -11.53
N THR A 15 -0.65 3.92 -12.14
CA THR A 15 -1.38 2.81 -11.50
C THR A 15 -0.79 1.45 -11.90
N PHE A 16 -0.80 0.50 -10.97
CA PHE A 16 -0.40 -0.90 -11.17
C PHE A 16 -1.24 -1.81 -10.26
N LYS A 17 -1.16 -3.13 -10.45
CA LYS A 17 -1.90 -4.10 -9.65
C LYS A 17 -1.10 -5.36 -9.36
N ILE A 18 -1.27 -5.85 -8.14
CA ILE A 18 -0.51 -6.92 -7.49
C ILE A 18 -1.46 -7.84 -6.69
N ASP A 19 -0.94 -8.88 -6.04
CA ASP A 19 -1.72 -9.85 -5.27
C ASP A 19 -1.03 -10.24 -3.96
N ILE A 20 -1.83 -10.43 -2.90
CA ILE A 20 -1.43 -10.89 -1.55
C ILE A 20 -2.54 -11.77 -0.94
N ASP A 21 -2.28 -12.44 0.18
CA ASP A 21 -3.35 -13.06 0.99
C ASP A 21 -4.15 -11.96 1.75
N PRO A 22 -5.48 -11.85 1.56
CA PRO A 22 -6.29 -10.76 2.15
C PRO A 22 -6.45 -10.86 3.67
N GLU A 23 -6.13 -12.01 4.27
CA GLU A 23 -6.05 -12.22 5.72
C GLU A 23 -4.80 -11.60 6.36
N GLU A 24 -3.81 -11.13 5.57
CA GLU A 24 -2.59 -10.50 6.09
C GLU A 24 -2.78 -9.00 6.34
N THR A 25 -1.90 -8.40 7.14
CA THR A 25 -1.86 -6.95 7.39
C THR A 25 -1.42 -6.16 6.17
N VAL A 26 -1.66 -4.84 6.19
CA VAL A 26 -1.21 -3.91 5.13
C VAL A 26 0.31 -4.03 4.86
N LYS A 27 1.10 -4.34 5.89
CA LYS A 27 2.54 -4.61 5.81
C LYS A 27 2.90 -5.58 4.68
N ALA A 28 2.11 -6.62 4.45
CA ALA A 28 2.39 -7.64 3.44
C ALA A 28 2.23 -7.17 1.98
N LEU A 29 1.42 -6.14 1.74
CA LEU A 29 1.29 -5.49 0.42
C LEU A 29 2.22 -4.28 0.33
N LYS A 30 2.46 -3.57 1.45
CA LYS A 30 3.40 -2.46 1.51
C LYS A 30 4.87 -2.91 1.35
N GLU A 31 5.25 -4.06 1.89
CA GLU A 31 6.60 -4.63 1.72
C GLU A 31 6.89 -5.03 0.26
N LYS A 32 5.89 -5.54 -0.47
CA LYS A 32 6.11 -6.23 -1.75
C LYS A 32 6.33 -5.30 -2.94
N ILE A 33 5.79 -4.07 -2.89
CA ILE A 33 5.95 -3.07 -3.97
C ILE A 33 7.30 -2.35 -3.90
N GLU A 34 7.95 -2.32 -2.74
CA GLU A 34 9.36 -1.89 -2.64
C GLU A 34 10.28 -2.80 -3.49
N SER A 35 9.96 -4.10 -3.62
CA SER A 35 10.69 -5.01 -4.53
C SER A 35 10.50 -4.68 -6.01
N GLU A 36 9.50 -3.87 -6.38
CA GLU A 36 9.19 -3.48 -7.76
C GLU A 36 9.72 -2.08 -8.12
N LYS A 37 9.72 -1.14 -7.17
CA LYS A 37 9.98 0.30 -7.39
C LYS A 37 11.07 0.90 -6.49
N GLY A 38 11.52 0.16 -5.48
CA GLY A 38 12.73 0.42 -4.69
C GLY A 38 12.58 1.41 -3.52
N LYS A 39 13.52 1.33 -2.57
CA LYS A 39 13.74 2.31 -1.48
C LYS A 39 13.88 3.74 -1.98
N ASP A 40 14.45 3.87 -3.18
CA ASP A 40 14.69 5.12 -3.90
C ASP A 40 13.41 5.93 -4.17
N ALA A 41 12.23 5.30 -4.11
CA ALA A 41 10.93 5.92 -4.39
C ALA A 41 9.80 5.52 -3.40
N PHE A 42 9.84 4.32 -2.81
CA PHE A 42 8.79 3.78 -1.93
C PHE A 42 9.38 3.01 -0.72
N PRO A 43 10.20 3.67 0.14
CA PRO A 43 10.85 3.01 1.28
C PRO A 43 9.82 2.54 2.31
N VAL A 44 9.86 1.27 2.72
CA VAL A 44 8.91 0.67 3.68
C VAL A 44 8.81 1.44 5.00
N ALA A 45 9.90 2.05 5.44
CA ALA A 45 9.97 2.91 6.63
C ALA A 45 9.20 4.25 6.54
N GLY A 46 8.67 4.62 5.36
CA GLY A 46 8.00 5.91 5.13
C GLY A 46 6.81 5.89 4.14
N GLN A 47 6.61 4.83 3.35
CA GLN A 47 5.40 4.70 2.51
C GLN A 47 4.16 4.28 3.33
N LYS A 48 3.00 4.85 2.97
CA LYS A 48 1.69 4.75 3.64
C LYS A 48 0.57 4.64 2.59
N LEU A 49 -0.60 4.14 2.98
CA LEU A 49 -1.69 3.78 2.06
C LEU A 49 -3.07 4.30 2.50
N ILE A 50 -3.95 4.50 1.52
CA ILE A 50 -5.30 5.08 1.60
C ILE A 50 -6.29 4.23 0.79
N TYR A 51 -7.54 4.07 1.24
CA TYR A 51 -8.62 3.45 0.47
C TYR A 51 -9.85 4.36 0.42
N ALA A 52 -9.91 5.18 -0.64
CA ALA A 52 -11.03 6.07 -0.98
C ALA A 52 -11.47 7.08 0.11
N GLY A 53 -10.66 7.32 1.14
CA GLY A 53 -10.96 8.26 2.23
C GLY A 53 -10.48 7.85 3.63
N LYS A 54 -10.00 6.61 3.80
CA LYS A 54 -9.50 6.07 5.09
C LYS A 54 -8.08 5.52 4.98
N ILE A 55 -7.37 5.44 6.10
CA ILE A 55 -5.92 5.13 6.14
C ILE A 55 -5.74 3.64 6.50
N LEU A 56 -4.95 2.95 5.68
CA LEU A 56 -4.62 1.54 5.81
C LEU A 56 -3.50 1.33 6.86
N ASN A 57 -3.89 0.84 8.04
CA ASN A 57 -3.01 0.62 9.19
C ASN A 57 -2.10 -0.61 9.01
N ASP A 58 -0.81 -0.44 9.31
CA ASP A 58 0.24 -1.47 9.12
C ASP A 58 0.07 -2.74 9.97
N ASP A 59 -0.83 -2.72 10.96
CA ASP A 59 -1.09 -3.80 11.92
C ASP A 59 -2.54 -4.33 11.87
N THR A 60 -3.32 -3.96 10.86
CA THR A 60 -4.72 -4.40 10.65
C THR A 60 -4.85 -5.19 9.34
N ALA A 61 -5.53 -6.33 9.39
CA ALA A 61 -5.70 -7.24 8.26
C ALA A 61 -6.56 -6.63 7.12
N LEU A 62 -6.19 -6.87 5.87
CA LEU A 62 -6.75 -6.19 4.70
C LEU A 62 -8.25 -6.43 4.48
N LYS A 63 -8.77 -7.61 4.83
CA LYS A 63 -10.21 -7.90 4.80
C LYS A 63 -11.07 -7.02 5.73
N GLU A 64 -10.49 -6.39 6.77
CA GLU A 64 -11.19 -5.43 7.64
C GLU A 64 -11.29 -4.03 7.02
N TYR A 65 -10.53 -3.76 5.94
CA TYR A 65 -10.74 -2.61 5.05
C TYR A 65 -11.68 -2.92 3.86
N LYS A 66 -12.11 -4.19 3.72
CA LYS A 66 -12.95 -4.69 2.60
C LYS A 66 -12.44 -4.24 1.22
N ILE A 67 -11.12 -4.34 1.01
CA ILE A 67 -10.47 -4.00 -0.26
C ILE A 67 -11.00 -4.91 -1.39
N ASP A 68 -11.13 -4.37 -2.60
CA ASP A 68 -11.62 -5.09 -3.78
C ASP A 68 -10.82 -4.70 -5.03
N GLU A 69 -10.49 -5.67 -5.89
CA GLU A 69 -9.86 -5.46 -7.20
C GLU A 69 -10.77 -4.78 -8.24
N LYS A 70 -12.03 -4.51 -7.86
CA LYS A 70 -13.00 -3.66 -8.59
C LYS A 70 -12.85 -2.17 -8.25
N ASN A 71 -12.12 -1.87 -7.17
CA ASN A 71 -11.76 -0.54 -6.69
C ASN A 71 -10.22 -0.36 -6.75
N PHE A 72 -9.70 0.73 -6.19
CA PHE A 72 -8.26 0.99 -6.04
C PHE A 72 -7.90 1.65 -4.70
N VAL A 73 -6.63 1.51 -4.35
CA VAL A 73 -5.94 1.99 -3.15
C VAL A 73 -4.88 3.00 -3.61
N VAL A 74 -4.53 3.99 -2.79
CA VAL A 74 -3.57 5.06 -3.13
C VAL A 74 -2.39 5.01 -2.16
N VAL A 75 -1.16 5.17 -2.67
CA VAL A 75 0.09 5.11 -1.91
C VAL A 75 0.76 6.49 -1.85
N MET A 76 1.30 6.86 -0.69
CA MET A 76 1.95 8.14 -0.41
C MET A 76 3.20 7.94 0.45
N VAL A 77 4.14 8.89 0.50
CA VAL A 77 5.43 8.74 1.20
C VAL A 77 5.75 9.98 2.03
N THR A 78 5.90 9.82 3.34
CA THR A 78 6.29 10.89 4.27
C THR A 78 7.16 10.37 5.44
N LYS A 79 8.05 11.22 5.96
CA LYS A 79 8.93 10.92 7.11
C LYS A 79 9.32 12.23 7.82
N PRO A 80 9.34 12.32 9.17
CA PRO A 80 9.62 13.57 9.89
C PRO A 80 11.06 14.10 9.72
N LYS A 81 11.97 13.28 9.19
CA LYS A 81 13.33 13.69 8.76
C LYS A 81 13.32 14.69 7.58
N ALA A 82 12.29 14.66 6.74
CA ALA A 82 12.13 15.58 5.61
C ALA A 82 11.54 16.93 6.06
N VAL A 83 12.36 17.99 6.05
CA VAL A 83 12.01 19.37 6.44
C VAL A 83 12.63 20.40 5.50
N SER A 84 12.03 21.60 5.45
CA SER A 84 12.53 22.77 4.71
C SER A 84 12.54 24.03 5.58
N THR A 85 13.47 24.95 5.30
CA THR A 85 13.73 26.20 6.08
C THR A 85 14.07 27.36 5.14
N GLY A 1 -7.31 -21.21 -4.99
CA GLY A 1 -6.69 -19.87 -4.84
C GLY A 1 -6.76 -19.38 -3.41
N SER A 2 -5.73 -18.63 -2.96
CA SER A 2 -5.54 -18.21 -1.56
C SER A 2 -5.09 -16.74 -1.42
N HIS A 3 -5.22 -15.93 -2.48
CA HIS A 3 -4.87 -14.50 -2.53
C HIS A 3 -5.98 -13.70 -3.22
N MET A 4 -5.93 -12.36 -3.08
CA MET A 4 -6.78 -11.40 -3.81
C MET A 4 -5.92 -10.30 -4.44
N GLN A 5 -6.43 -9.68 -5.51
CA GLN A 5 -5.75 -8.62 -6.24
C GLN A 5 -6.25 -7.23 -5.83
N VAL A 6 -5.36 -6.25 -5.85
CA VAL A 6 -5.62 -4.83 -5.55
C VAL A 6 -4.87 -3.95 -6.56
N THR A 7 -5.50 -2.87 -7.00
CA THR A 7 -4.96 -1.88 -7.96
C THR A 7 -4.44 -0.66 -7.20
N LEU A 8 -3.20 -0.25 -7.44
CA LEU A 8 -2.50 0.77 -6.65
C LEU A 8 -2.10 1.96 -7.50
N LYS A 9 -2.53 3.17 -7.13
CA LYS A 9 -2.16 4.44 -7.78
C LYS A 9 -1.04 5.14 -6.99
N THR A 10 -0.19 5.90 -7.67
CA THR A 10 0.90 6.66 -7.04
C THR A 10 0.53 8.14 -6.86
N LEU A 11 1.36 8.87 -6.10
CA LEU A 11 1.37 10.34 -6.06
C LEU A 11 1.95 10.99 -7.35
N GLN A 12 2.27 10.17 -8.35
CA GLN A 12 3.12 10.46 -9.51
C GLN A 12 2.42 10.00 -10.82
N GLN A 13 1.08 9.89 -10.78
CA GLN A 13 0.21 9.64 -11.94
C GLN A 13 0.54 8.35 -12.71
N GLN A 14 0.65 7.23 -11.97
CA GLN A 14 0.89 5.88 -12.47
C GLN A 14 0.01 4.90 -11.67
N THR A 15 -0.36 3.76 -12.27
CA THR A 15 -1.16 2.71 -11.61
C THR A 15 -0.60 1.31 -11.91
N PHE A 16 -0.64 0.40 -10.94
CA PHE A 16 -0.11 -0.97 -11.03
C PHE A 16 -1.00 -1.98 -10.27
N LYS A 17 -0.72 -3.28 -10.45
CA LYS A 17 -1.58 -4.41 -10.06
C LYS A 17 -0.81 -5.39 -9.18
N ILE A 18 -1.31 -5.62 -7.98
CA ILE A 18 -0.66 -6.35 -6.87
C ILE A 18 -1.61 -7.43 -6.33
N ASP A 19 -1.07 -8.50 -5.74
CA ASP A 19 -1.86 -9.54 -5.07
C ASP A 19 -1.16 -10.04 -3.78
N ILE A 20 -1.94 -10.21 -2.71
CA ILE A 20 -1.53 -10.76 -1.40
C ILE A 20 -2.70 -11.57 -0.78
N ASP A 21 -2.43 -12.31 0.31
CA ASP A 21 -3.46 -13.03 1.09
C ASP A 21 -4.50 -12.05 1.70
N PRO A 22 -5.83 -12.29 1.55
CA PRO A 22 -6.88 -11.38 2.01
C PRO A 22 -6.97 -11.21 3.54
N GLU A 23 -6.36 -12.10 4.32
CA GLU A 23 -6.37 -12.09 5.79
C GLU A 23 -4.96 -11.89 6.40
N GLU A 24 -3.94 -11.64 5.58
CA GLU A 24 -2.66 -11.10 6.03
C GLU A 24 -2.78 -9.58 6.27
N THR A 25 -1.83 -8.97 7.00
CA THR A 25 -1.88 -7.54 7.32
C THR A 25 -1.33 -6.65 6.20
N VAL A 26 -1.65 -5.35 6.27
CA VAL A 26 -1.17 -4.33 5.30
C VAL A 26 0.35 -4.29 5.18
N LYS A 27 1.11 -4.66 6.22
CA LYS A 27 2.57 -4.82 6.17
C LYS A 27 3.03 -5.68 4.99
N ALA A 28 2.35 -6.79 4.68
CA ALA A 28 2.73 -7.65 3.55
C ALA A 28 2.56 -6.96 2.18
N LEU A 29 1.41 -6.28 1.98
CA LEU A 29 1.10 -5.46 0.80
C LEU A 29 2.07 -4.26 0.68
N LYS A 30 2.41 -3.62 1.79
CA LYS A 30 3.24 -2.40 1.84
C LYS A 30 4.74 -2.68 1.73
N GLU A 31 5.23 -3.79 2.29
CA GLU A 31 6.61 -4.24 2.08
C GLU A 31 6.86 -4.69 0.64
N LYS A 32 5.94 -5.42 0.00
CA LYS A 32 6.22 -6.03 -1.31
C LYS A 32 6.45 -5.01 -2.44
N ILE A 33 5.78 -3.85 -2.42
CA ILE A 33 5.87 -2.86 -3.52
C ILE A 33 7.20 -2.09 -3.51
N GLU A 34 7.91 -2.04 -2.37
CA GLU A 34 9.31 -1.57 -2.31
C GLU A 34 10.22 -2.37 -3.26
N SER A 35 9.97 -3.67 -3.45
CA SER A 35 10.70 -4.51 -4.42
C SER A 35 10.29 -4.25 -5.89
N GLU A 36 9.17 -3.56 -6.13
CA GLU A 36 8.64 -3.29 -7.48
C GLU A 36 9.01 -1.88 -8.00
N LYS A 37 9.00 -0.86 -7.13
CA LYS A 37 9.33 0.54 -7.48
C LYS A 37 10.70 1.00 -6.92
N GLY A 38 11.22 0.31 -5.90
CA GLY A 38 12.53 0.53 -5.31
C GLY A 38 12.48 1.22 -3.94
N LYS A 39 13.42 0.86 -3.06
CA LYS A 39 13.75 1.54 -1.80
C LYS A 39 13.96 3.05 -1.97
N ASP A 40 14.53 3.46 -3.11
CA ASP A 40 14.77 4.85 -3.50
C ASP A 40 13.51 5.67 -3.82
N ALA A 41 12.33 5.03 -3.94
CA ALA A 41 11.08 5.67 -4.40
C ALA A 41 9.87 5.40 -3.47
N PHE A 42 9.79 4.23 -2.83
CA PHE A 42 8.73 3.85 -1.88
C PHE A 42 9.31 3.08 -0.67
N PRO A 43 10.17 3.71 0.16
CA PRO A 43 10.76 3.06 1.33
C PRO A 43 9.71 2.69 2.37
N VAL A 44 9.75 1.46 2.90
CA VAL A 44 8.84 0.98 3.97
C VAL A 44 8.86 1.89 5.21
N ALA A 45 10.00 2.52 5.49
CA ALA A 45 10.18 3.51 6.57
C ALA A 45 9.41 4.84 6.38
N GLY A 46 8.86 5.12 5.19
CA GLY A 46 8.27 6.42 4.84
C GLY A 46 7.06 6.40 3.89
N GLN A 47 6.70 5.25 3.30
CA GLN A 47 5.48 5.14 2.48
C GLN A 47 4.20 4.95 3.33
N LYS A 48 3.08 5.44 2.80
CA LYS A 48 1.73 5.47 3.40
C LYS A 48 0.67 5.13 2.35
N LEU A 49 -0.51 4.69 2.78
CA LEU A 49 -1.62 4.22 1.95
C LEU A 49 -2.94 4.93 2.33
N ILE A 50 -3.83 5.12 1.34
CA ILE A 50 -5.24 5.52 1.51
C ILE A 50 -6.14 4.69 0.59
N TYR A 51 -7.30 4.25 1.10
CA TYR A 51 -8.35 3.57 0.34
C TYR A 51 -9.62 4.43 0.31
N ALA A 52 -9.67 5.36 -0.65
CA ALA A 52 -10.80 6.27 -0.93
C ALA A 52 -11.35 7.07 0.28
N GLY A 53 -10.52 7.29 1.30
CA GLY A 53 -10.86 8.00 2.55
C GLY A 53 -10.54 7.23 3.84
N LYS A 54 -10.14 5.96 3.74
CA LYS A 54 -9.78 5.08 4.86
C LYS A 54 -8.25 5.02 4.97
N ILE A 55 -7.75 4.95 6.21
CA ILE A 55 -6.33 4.93 6.54
C ILE A 55 -5.94 3.49 6.91
N LEU A 56 -5.19 2.83 6.03
CA LEU A 56 -4.74 1.44 6.19
C LEU A 56 -3.68 1.32 7.30
N ASN A 57 -3.60 0.17 7.98
CA ASN A 57 -2.72 -0.06 9.14
C ASN A 57 -1.90 -1.35 9.02
N ASP A 58 -0.58 -1.24 9.18
CA ASP A 58 0.40 -2.34 9.07
C ASP A 58 0.13 -3.55 9.99
N ASP A 59 -0.59 -3.36 11.10
CA ASP A 59 -0.89 -4.39 12.10
C ASP A 59 -2.33 -4.96 12.00
N THR A 60 -3.06 -4.62 10.93
CA THR A 60 -4.48 -4.99 10.72
C THR A 60 -4.66 -5.75 9.40
N ALA A 61 -5.44 -6.84 9.44
CA ALA A 61 -5.72 -7.71 8.30
C ALA A 61 -6.49 -6.99 7.18
N LEU A 62 -6.12 -7.23 5.91
CA LEU A 62 -6.68 -6.57 4.73
C LEU A 62 -8.22 -6.53 4.67
N LYS A 63 -8.89 -7.67 4.91
CA LYS A 63 -10.36 -7.77 4.84
C LYS A 63 -11.13 -6.91 5.86
N GLU A 64 -10.49 -6.38 6.90
CA GLU A 64 -11.09 -5.38 7.80
C GLU A 64 -11.37 -4.04 7.08
N TYR A 65 -10.62 -3.77 6.01
CA TYR A 65 -10.78 -2.58 5.14
C TYR A 65 -11.67 -2.85 3.91
N LYS A 66 -12.14 -4.09 3.73
CA LYS A 66 -12.99 -4.58 2.63
C LYS A 66 -12.53 -4.08 1.24
N ILE A 67 -11.22 -4.08 1.00
CA ILE A 67 -10.63 -3.62 -0.26
C ILE A 67 -11.11 -4.52 -1.41
N ASP A 68 -11.53 -3.91 -2.52
CA ASP A 68 -12.25 -4.57 -3.61
C ASP A 68 -11.38 -4.73 -4.87
N GLU A 69 -11.55 -5.88 -5.54
CA GLU A 69 -10.69 -6.36 -6.65
C GLU A 69 -10.83 -5.56 -7.96
N LYS A 70 -11.75 -4.58 -8.02
CA LYS A 70 -11.93 -3.62 -9.13
C LYS A 70 -12.08 -2.16 -8.65
N ASN A 71 -11.75 -1.88 -7.40
CA ASN A 71 -11.44 -0.54 -6.89
C ASN A 71 -9.91 -0.34 -6.80
N PHE A 72 -9.46 0.85 -6.37
CA PHE A 72 -8.04 1.16 -6.18
C PHE A 72 -7.75 1.93 -4.89
N VAL A 73 -6.49 1.88 -4.46
CA VAL A 73 -5.91 2.54 -3.28
C VAL A 73 -4.69 3.36 -3.71
N VAL A 74 -4.39 4.46 -3.01
CA VAL A 74 -3.28 5.36 -3.32
C VAL A 74 -2.10 5.08 -2.39
N VAL A 75 -0.88 4.98 -2.93
CA VAL A 75 0.40 4.96 -2.21
C VAL A 75 1.12 6.30 -2.34
N MET A 76 1.61 6.84 -1.22
CA MET A 76 2.30 8.14 -1.12
C MET A 76 3.48 8.05 -0.13
N VAL A 77 4.41 9.01 -0.15
CA VAL A 77 5.60 9.02 0.73
C VAL A 77 5.77 10.33 1.49
N THR A 78 6.48 10.27 2.61
CA THR A 78 6.93 11.44 3.39
C THR A 78 8.36 11.24 3.94
N LYS A 79 9.06 12.36 4.18
CA LYS A 79 10.47 12.43 4.60
C LYS A 79 10.77 13.35 5.80
N PRO A 80 10.27 14.60 5.89
CA PRO A 80 10.55 15.48 7.05
C PRO A 80 9.77 15.07 8.31
N LYS A 81 10.23 15.56 9.47
CA LYS A 81 9.61 15.33 10.79
C LYS A 81 9.85 16.51 11.74
N ALA A 82 8.85 16.86 12.54
CA ALA A 82 8.97 17.82 13.64
C ALA A 82 9.80 17.23 14.80
N VAL A 83 11.05 17.68 14.97
CA VAL A 83 12.00 17.24 16.01
C VAL A 83 12.71 18.46 16.62
N SER A 84 12.81 18.49 17.94
CA SER A 84 13.49 19.53 18.74
C SER A 84 14.45 18.93 19.77
N THR A 85 15.53 19.67 20.10
CA THR A 85 16.57 19.30 21.09
C THR A 85 16.94 20.51 21.94
N GLY A 1 -4.37 -19.11 3.41
CA GLY A 1 -4.35 -18.92 1.95
C GLY A 1 -5.69 -18.39 1.46
N SER A 2 -5.71 -17.17 0.95
CA SER A 2 -6.93 -16.42 0.57
C SER A 2 -6.74 -15.43 -0.60
N HIS A 3 -5.54 -15.38 -1.19
CA HIS A 3 -5.04 -14.33 -2.10
C HIS A 3 -5.99 -13.79 -3.17
N MET A 4 -5.97 -12.46 -3.29
CA MET A 4 -6.71 -11.63 -4.24
C MET A 4 -5.83 -10.48 -4.75
N GLN A 5 -6.19 -9.87 -5.88
CA GLN A 5 -5.47 -8.74 -6.46
C GLN A 5 -6.15 -7.39 -6.15
N VAL A 6 -5.36 -6.32 -6.09
CA VAL A 6 -5.76 -4.94 -5.78
C VAL A 6 -5.03 -3.99 -6.75
N THR A 7 -5.69 -2.90 -7.12
CA THR A 7 -5.19 -1.88 -8.05
C THR A 7 -4.66 -0.70 -7.25
N LEU A 8 -3.41 -0.29 -7.46
CA LEU A 8 -2.73 0.73 -6.66
C LEU A 8 -2.33 1.91 -7.55
N LYS A 9 -2.63 3.15 -7.16
CA LYS A 9 -2.21 4.37 -7.87
C LYS A 9 -1.31 5.27 -7.01
N THR A 10 -0.47 6.07 -7.65
CA THR A 10 0.61 6.84 -6.99
C THR A 10 0.29 8.33 -6.85
N LEU A 11 1.13 9.06 -6.12
CA LEU A 11 1.23 10.54 -6.14
C LEU A 11 1.74 11.11 -7.49
N GLN A 12 2.00 10.25 -8.48
CA GLN A 12 2.66 10.56 -9.75
C GLN A 12 1.79 10.12 -10.96
N GLN A 13 0.47 10.09 -10.75
CA GLN A 13 -0.59 9.73 -11.72
C GLN A 13 -0.28 8.47 -12.57
N GLN A 14 0.10 7.38 -11.92
CA GLN A 14 0.34 6.06 -12.51
C GLN A 14 -0.34 4.99 -11.66
N THR A 15 -0.74 3.87 -12.28
CA THR A 15 -1.52 2.81 -11.62
C THR A 15 -1.01 1.42 -12.03
N PHE A 16 -1.00 0.48 -11.07
CA PHE A 16 -0.42 -0.87 -11.19
C PHE A 16 -1.24 -1.92 -10.42
N LYS A 17 -0.93 -3.21 -10.62
CA LYS A 17 -1.72 -4.36 -10.13
C LYS A 17 -0.85 -5.28 -9.26
N ILE A 18 -1.28 -5.50 -8.02
CA ILE A 18 -0.58 -6.27 -6.97
C ILE A 18 -1.53 -7.36 -6.43
N ASP A 19 -1.01 -8.46 -5.90
CA ASP A 19 -1.80 -9.52 -5.26
C ASP A 19 -1.12 -10.03 -3.97
N ILE A 20 -1.90 -10.17 -2.89
CA ILE A 20 -1.50 -10.71 -1.58
C ILE A 20 -2.66 -11.50 -0.94
N ASP A 21 -2.38 -12.30 0.09
CA ASP A 21 -3.40 -12.92 0.95
C ASP A 21 -4.11 -11.86 1.83
N PRO A 22 -5.41 -11.55 1.61
CA PRO A 22 -6.12 -10.50 2.34
C PRO A 22 -6.36 -10.78 3.84
N GLU A 23 -6.07 -12.00 4.31
CA GLU A 23 -5.96 -12.31 5.73
C GLU A 23 -4.73 -11.69 6.43
N GLU A 24 -3.73 -11.19 5.67
CA GLU A 24 -2.53 -10.57 6.23
C GLU A 24 -2.70 -9.07 6.49
N THR A 25 -1.82 -8.47 7.29
CA THR A 25 -1.78 -7.01 7.54
C THR A 25 -1.18 -6.25 6.36
N VAL A 26 -1.35 -4.92 6.37
CA VAL A 26 -0.80 -4.01 5.33
C VAL A 26 0.70 -4.18 5.09
N LYS A 27 1.47 -4.62 6.10
CA LYS A 27 2.88 -5.02 5.96
C LYS A 27 3.13 -5.92 4.74
N ALA A 28 2.27 -6.91 4.50
CA ALA A 28 2.45 -7.89 3.43
C ALA A 28 2.39 -7.32 2.01
N LEU A 29 1.67 -6.20 1.81
CA LEU A 29 1.56 -5.51 0.53
C LEU A 29 2.55 -4.34 0.48
N LYS A 30 2.70 -3.56 1.55
CA LYS A 30 3.61 -2.41 1.55
C LYS A 30 5.09 -2.82 1.50
N GLU A 31 5.46 -3.98 2.04
CA GLU A 31 6.81 -4.54 1.88
C GLU A 31 7.09 -5.06 0.47
N LYS A 32 6.07 -5.51 -0.29
CA LYS A 32 6.28 -6.06 -1.63
C LYS A 32 6.49 -4.97 -2.68
N ILE A 33 5.76 -3.85 -2.62
CA ILE A 33 5.90 -2.76 -3.62
C ILE A 33 7.25 -2.05 -3.54
N GLU A 34 7.95 -2.11 -2.39
CA GLU A 34 9.36 -1.69 -2.28
C GLU A 34 10.27 -2.46 -3.26
N SER A 35 10.01 -3.75 -3.49
CA SER A 35 10.73 -4.57 -4.48
C SER A 35 10.32 -4.29 -5.93
N GLU A 36 9.18 -3.63 -6.16
CA GLU A 36 8.68 -3.27 -7.51
C GLU A 36 9.23 -1.91 -7.98
N LYS A 37 9.48 -0.98 -7.05
CA LYS A 37 9.78 0.45 -7.33
C LYS A 37 11.07 0.96 -6.68
N GLY A 38 11.63 0.18 -5.76
CA GLY A 38 12.90 0.45 -5.07
C GLY A 38 12.72 1.16 -3.71
N LYS A 39 13.50 0.75 -2.71
CA LYS A 39 13.65 1.42 -1.42
C LYS A 39 14.06 2.90 -1.56
N ASP A 40 14.83 3.19 -2.60
CA ASP A 40 15.23 4.55 -3.02
C ASP A 40 14.07 5.51 -3.35
N ALA A 41 12.85 4.99 -3.57
CA ALA A 41 11.66 5.78 -3.94
C ALA A 41 10.41 5.46 -3.09
N PHE A 42 10.29 4.25 -2.55
CA PHE A 42 9.17 3.79 -1.72
C PHE A 42 9.66 2.98 -0.49
N PRO A 43 10.47 3.58 0.41
CA PRO A 43 11.02 2.88 1.56
C PRO A 43 9.91 2.46 2.54
N VAL A 44 9.97 1.22 3.04
CA VAL A 44 9.03 0.68 4.06
C VAL A 44 8.91 1.57 5.31
N ALA A 45 10.01 2.25 5.68
CA ALA A 45 10.06 3.21 6.79
C ALA A 45 9.30 4.54 6.56
N GLY A 46 8.81 4.81 5.33
CA GLY A 46 8.23 6.10 4.94
C GLY A 46 7.03 6.06 3.98
N GLN A 47 6.74 4.91 3.34
CA GLN A 47 5.53 4.78 2.50
C GLN A 47 4.25 4.58 3.32
N LYS A 48 3.12 5.03 2.77
CA LYS A 48 1.76 5.05 3.38
C LYS A 48 0.68 4.69 2.35
N LEU A 49 -0.51 4.28 2.81
CA LEU A 49 -1.61 3.83 1.95
C LEU A 49 -2.99 4.35 2.39
N ILE A 50 -3.87 4.56 1.40
CA ILE A 50 -5.24 5.08 1.52
C ILE A 50 -6.21 4.24 0.68
N TYR A 51 -7.44 4.05 1.16
CA TYR A 51 -8.55 3.46 0.39
C TYR A 51 -9.79 4.35 0.47
N ALA A 52 -9.98 5.22 -0.53
CA ALA A 52 -11.15 6.10 -0.72
C ALA A 52 -11.58 6.96 0.50
N GLY A 53 -10.65 7.22 1.44
CA GLY A 53 -10.89 7.97 2.68
C GLY A 53 -10.50 7.24 3.97
N LYS A 54 -10.08 5.96 3.88
CA LYS A 54 -9.61 5.14 5.01
C LYS A 54 -8.09 5.13 5.03
N ILE A 55 -7.49 5.24 6.21
CA ILE A 55 -6.02 5.27 6.38
C ILE A 55 -5.63 3.85 6.80
N LEU A 56 -4.94 3.13 5.91
CA LEU A 56 -4.61 1.72 6.10
C LEU A 56 -3.46 1.57 7.13
N ASN A 57 -3.46 0.45 7.87
CA ASN A 57 -2.69 0.28 9.10
C ASN A 57 -1.86 -1.03 9.11
N ASP A 58 -0.59 -0.93 9.49
CA ASP A 58 0.37 -2.05 9.54
C ASP A 58 0.02 -3.15 10.57
N ASP A 59 -1.00 -2.95 11.42
CA ASP A 59 -1.43 -3.88 12.47
C ASP A 59 -2.89 -4.36 12.29
N THR A 60 -3.51 -4.10 11.12
CA THR A 60 -4.89 -4.47 10.79
C THR A 60 -4.94 -5.14 9.41
N ALA A 61 -5.65 -6.28 9.33
CA ALA A 61 -5.70 -7.13 8.15
C ALA A 61 -6.46 -6.51 6.96
N LEU A 62 -6.01 -6.81 5.73
CA LEU A 62 -6.53 -6.29 4.47
C LEU A 62 -8.07 -6.39 4.34
N LYS A 63 -8.66 -7.52 4.72
CA LYS A 63 -10.12 -7.73 4.63
C LYS A 63 -10.97 -6.87 5.59
N GLU A 64 -10.40 -6.30 6.65
CA GLU A 64 -11.11 -5.40 7.58
C GLU A 64 -11.47 -4.06 6.92
N TYR A 65 -10.68 -3.64 5.93
CA TYR A 65 -10.91 -2.41 5.15
C TYR A 65 -11.97 -2.59 4.04
N LYS A 66 -12.35 -3.84 3.77
CA LYS A 66 -13.20 -4.28 2.65
C LYS A 66 -12.71 -3.76 1.28
N ILE A 67 -11.40 -3.93 1.03
CA ILE A 67 -10.79 -3.69 -0.29
C ILE A 67 -11.46 -4.58 -1.35
N ASP A 68 -11.54 -4.11 -2.59
CA ASP A 68 -12.22 -4.79 -3.70
C ASP A 68 -11.33 -4.85 -4.96
N GLU A 69 -11.36 -5.98 -5.66
CA GLU A 69 -10.45 -6.29 -6.78
C GLU A 69 -10.65 -5.47 -8.07
N LYS A 70 -11.71 -4.65 -8.13
CA LYS A 70 -12.01 -3.69 -9.21
C LYS A 70 -12.29 -2.27 -8.70
N ASN A 71 -11.98 -2.01 -7.43
CA ASN A 71 -11.71 -0.67 -6.90
C ASN A 71 -10.18 -0.43 -6.81
N PHE A 72 -9.74 0.75 -6.37
CA PHE A 72 -8.32 1.08 -6.23
C PHE A 72 -7.96 1.75 -4.90
N VAL A 73 -6.67 1.68 -4.59
CA VAL A 73 -5.97 2.11 -3.36
C VAL A 73 -4.91 3.12 -3.79
N VAL A 74 -4.54 4.08 -2.94
CA VAL A 74 -3.52 5.09 -3.23
C VAL A 74 -2.30 4.87 -2.35
N VAL A 75 -1.11 4.83 -2.95
CA VAL A 75 0.19 4.75 -2.27
C VAL A 75 0.83 6.15 -2.22
N MET A 76 1.45 6.48 -1.08
CA MET A 76 2.02 7.79 -0.77
C MET A 76 3.37 7.61 -0.07
N VAL A 77 4.23 8.63 -0.06
CA VAL A 77 5.53 8.57 0.64
C VAL A 77 5.89 9.88 1.34
N THR A 78 6.49 9.79 2.52
CA THR A 78 6.99 10.93 3.31
C THR A 78 8.34 10.61 3.99
N LYS A 79 9.18 11.63 4.21
CA LYS A 79 10.47 11.55 4.88
C LYS A 79 10.71 12.81 5.76
N PRO A 80 11.25 12.70 6.98
CA PRO A 80 11.72 13.83 7.78
C PRO A 80 12.74 14.73 7.05
N LYS A 81 12.65 16.05 7.29
CA LYS A 81 13.54 17.08 6.71
C LYS A 81 14.00 18.14 7.75
N ALA A 82 13.71 17.94 9.03
CA ALA A 82 14.08 18.85 10.12
C ALA A 82 15.61 18.97 10.27
N VAL A 83 16.14 20.17 10.04
CA VAL A 83 17.59 20.49 10.08
C VAL A 83 17.92 21.85 10.72
N SER A 84 16.92 22.70 10.98
CA SER A 84 17.06 24.03 11.58
C SER A 84 17.66 23.99 13.00
N THR A 85 18.42 25.04 13.35
CA THR A 85 18.99 25.28 14.70
C THR A 85 17.92 25.48 15.79
N GLY A 1 -2.25 -18.38 0.11
CA GLY A 1 -3.41 -19.30 0.03
C GLY A 1 -4.51 -18.71 -0.82
N SER A 2 -5.69 -18.46 -0.24
CA SER A 2 -6.89 -17.86 -0.85
C SER A 2 -6.74 -16.35 -1.18
N HIS A 3 -5.69 -16.02 -1.91
CA HIS A 3 -5.26 -14.67 -2.28
C HIS A 3 -6.30 -13.84 -3.05
N MET A 4 -6.09 -12.52 -3.05
CA MET A 4 -6.84 -11.52 -3.81
C MET A 4 -5.87 -10.55 -4.50
N GLN A 5 -6.32 -9.90 -5.58
CA GLN A 5 -5.55 -8.86 -6.26
C GLN A 5 -6.05 -7.46 -5.85
N VAL A 6 -5.15 -6.48 -5.86
CA VAL A 6 -5.43 -5.09 -5.45
C VAL A 6 -4.80 -4.11 -6.47
N THR A 7 -5.42 -2.95 -6.65
CA THR A 7 -5.02 -1.91 -7.62
C THR A 7 -4.44 -0.71 -6.89
N LEU A 8 -3.14 -0.44 -7.10
CA LEU A 8 -2.37 0.58 -6.38
C LEU A 8 -2.04 1.76 -7.27
N LYS A 9 -2.26 2.96 -6.74
CA LYS A 9 -2.29 4.26 -7.40
C LYS A 9 -1.33 5.21 -6.68
N THR A 10 -0.64 6.10 -7.39
CA THR A 10 0.54 6.79 -6.83
C THR A 10 0.53 8.30 -7.01
N LEU A 11 1.27 9.02 -6.14
CA LEU A 11 1.57 10.45 -6.30
C LEU A 11 2.39 10.74 -7.57
N GLN A 12 3.15 9.75 -8.05
CA GLN A 12 3.96 9.76 -9.28
C GLN A 12 3.11 9.52 -10.56
N GLN A 13 1.78 9.62 -10.46
CA GLN A 13 0.80 9.53 -11.55
C GLN A 13 0.83 8.19 -12.31
N GLN A 14 0.90 7.07 -11.57
CA GLN A 14 0.93 5.70 -12.09
C GLN A 14 -0.11 4.83 -11.37
N THR A 15 -0.56 3.74 -12.02
CA THR A 15 -1.35 2.68 -11.39
C THR A 15 -0.85 1.30 -11.80
N PHE A 16 -0.86 0.34 -10.88
CA PHE A 16 -0.44 -1.07 -11.08
C PHE A 16 -1.26 -2.03 -10.21
N LYS A 17 -1.12 -3.34 -10.45
CA LYS A 17 -1.87 -4.40 -9.78
C LYS A 17 -0.95 -5.55 -9.35
N ILE A 18 -1.17 -5.99 -8.12
CA ILE A 18 -0.43 -7.00 -7.37
C ILE A 18 -1.41 -7.88 -6.57
N ASP A 19 -0.92 -8.92 -5.88
CA ASP A 19 -1.76 -9.88 -5.13
C ASP A 19 -1.13 -10.28 -3.79
N ILE A 20 -1.97 -10.41 -2.75
CA ILE A 20 -1.65 -10.85 -1.38
C ILE A 20 -2.84 -11.63 -0.77
N ASP A 21 -2.66 -12.27 0.39
CA ASP A 21 -3.78 -12.90 1.13
C ASP A 21 -4.69 -11.85 1.82
N PRO A 22 -6.03 -11.92 1.73
CA PRO A 22 -6.97 -11.04 2.45
C PRO A 22 -6.77 -11.02 3.98
N GLU A 23 -6.33 -12.15 4.54
CA GLU A 23 -6.06 -12.32 5.97
C GLU A 23 -4.74 -11.66 6.43
N GLU A 24 -3.89 -11.21 5.51
CA GLU A 24 -2.60 -10.59 5.84
C GLU A 24 -2.78 -9.07 6.11
N THR A 25 -1.83 -8.45 6.80
CA THR A 25 -1.90 -7.01 7.11
C THR A 25 -1.39 -6.14 5.94
N VAL A 26 -1.68 -4.83 6.00
CA VAL A 26 -1.22 -3.86 4.99
C VAL A 26 0.30 -3.89 4.78
N LYS A 27 1.08 -4.18 5.85
CA LYS A 27 2.54 -4.31 5.81
C LYS A 27 3.01 -5.21 4.66
N ALA A 28 2.31 -6.31 4.36
CA ALA A 28 2.73 -7.23 3.30
C ALA A 28 2.59 -6.64 1.88
N LEU A 29 1.44 -6.04 1.54
CA LEU A 29 1.25 -5.35 0.26
C LEU A 29 2.13 -4.10 0.13
N LYS A 30 2.43 -3.46 1.27
CA LYS A 30 3.33 -2.30 1.38
C LYS A 30 4.81 -2.67 1.26
N GLU A 31 5.24 -3.80 1.81
CA GLU A 31 6.63 -4.26 1.70
C GLU A 31 6.94 -4.87 0.33
N LYS A 32 6.01 -5.63 -0.28
CA LYS A 32 6.26 -6.31 -1.56
C LYS A 32 6.52 -5.36 -2.73
N ILE A 33 5.90 -4.17 -2.73
CA ILE A 33 6.06 -3.19 -3.81
C ILE A 33 7.37 -2.40 -3.71
N GLU A 34 8.00 -2.33 -2.54
CA GLU A 34 9.37 -1.82 -2.40
C GLU A 34 10.36 -2.64 -3.26
N SER A 35 10.16 -3.96 -3.36
CA SER A 35 11.00 -4.84 -4.19
C SER A 35 10.81 -4.62 -5.70
N GLU A 36 9.65 -4.09 -6.13
CA GLU A 36 9.28 -3.89 -7.53
C GLU A 36 9.47 -2.44 -8.03
N LYS A 37 9.26 -1.45 -7.16
CA LYS A 37 9.30 0.00 -7.46
C LYS A 37 10.53 0.71 -6.89
N GLY A 38 11.25 0.04 -5.98
CA GLY A 38 12.50 0.51 -5.36
C GLY A 38 12.28 1.39 -4.12
N LYS A 39 13.08 1.17 -3.07
CA LYS A 39 13.04 1.98 -1.82
C LYS A 39 13.41 3.45 -2.03
N ASP A 40 14.09 3.78 -3.13
CA ASP A 40 14.37 5.15 -3.57
C ASP A 40 13.13 5.97 -3.98
N ALA A 41 12.00 5.28 -4.20
CA ALA A 41 10.71 5.89 -4.56
C ALA A 41 9.54 5.45 -3.64
N PHE A 42 9.63 4.29 -2.99
CA PHE A 42 8.61 3.73 -2.08
C PHE A 42 9.25 3.06 -0.85
N PRO A 43 9.95 3.82 0.03
CA PRO A 43 10.63 3.26 1.21
C PRO A 43 9.63 2.75 2.25
N VAL A 44 9.77 1.51 2.72
CA VAL A 44 8.93 0.95 3.81
C VAL A 44 9.04 1.78 5.11
N ALA A 45 10.18 2.43 5.33
CA ALA A 45 10.42 3.35 6.44
C ALA A 45 9.66 4.71 6.34
N GLY A 46 9.00 5.02 5.22
CA GLY A 46 8.40 6.35 4.97
C GLY A 46 7.15 6.40 4.08
N GLN A 47 6.72 5.27 3.49
CA GLN A 47 5.47 5.22 2.71
C GLN A 47 4.21 4.99 3.58
N LYS A 48 3.06 5.43 3.07
CA LYS A 48 1.72 5.34 3.68
C LYS A 48 0.67 5.00 2.59
N LEU A 49 -0.48 4.45 2.99
CA LEU A 49 -1.57 4.05 2.10
C LEU A 49 -2.94 4.58 2.59
N ILE A 50 -3.88 4.70 1.66
CA ILE A 50 -5.29 5.07 1.83
C ILE A 50 -6.15 4.22 0.88
N TYR A 51 -7.33 3.78 1.32
CA TYR A 51 -8.32 3.11 0.46
C TYR A 51 -9.57 3.97 0.31
N ALA A 52 -9.50 4.92 -0.64
CA ALA A 52 -10.58 5.84 -1.04
C ALA A 52 -11.31 6.58 0.11
N GLY A 53 -10.62 6.80 1.24
CA GLY A 53 -11.18 7.43 2.45
C GLY A 53 -10.98 6.64 3.76
N LYS A 54 -10.40 5.43 3.69
CA LYS A 54 -10.07 4.59 4.87
C LYS A 54 -8.58 4.64 5.15
N ILE A 55 -8.21 4.64 6.43
CA ILE A 55 -6.85 4.89 6.90
C ILE A 55 -6.18 3.54 7.20
N LEU A 56 -5.53 2.98 6.17
CA LEU A 56 -4.86 1.69 6.18
C LEU A 56 -3.71 1.63 7.20
N ASN A 57 -3.58 0.49 7.89
CA ASN A 57 -2.68 0.28 9.01
C ASN A 57 -1.85 -1.01 8.88
N ASP A 58 -0.54 -0.91 9.12
CA ASP A 58 0.46 -1.98 9.01
C ASP A 58 0.21 -3.23 9.89
N ASP A 59 -0.64 -3.14 10.92
CA ASP A 59 -0.92 -4.19 11.89
C ASP A 59 -2.41 -4.61 11.95
N THR A 60 -3.18 -4.27 10.91
CA THR A 60 -4.60 -4.62 10.70
C THR A 60 -4.77 -5.36 9.39
N ALA A 61 -5.46 -6.51 9.43
CA ALA A 61 -5.69 -7.37 8.27
C ALA A 61 -6.56 -6.71 7.18
N LEU A 62 -6.23 -6.97 5.91
CA LEU A 62 -6.79 -6.26 4.76
C LEU A 62 -8.30 -6.44 4.57
N LYS A 63 -8.87 -7.60 4.94
CA LYS A 63 -10.32 -7.83 4.90
C LYS A 63 -11.14 -6.97 5.90
N GLU A 64 -10.51 -6.36 6.90
CA GLU A 64 -11.16 -5.34 7.76
C GLU A 64 -11.44 -4.05 6.98
N TYR A 65 -10.63 -3.75 5.95
CA TYR A 65 -10.81 -2.60 5.05
C TYR A 65 -11.70 -2.92 3.83
N LYS A 66 -12.08 -4.20 3.64
CA LYS A 66 -12.94 -4.71 2.55
C LYS A 66 -12.51 -4.24 1.15
N ILE A 67 -11.20 -4.30 0.89
CA ILE A 67 -10.58 -3.89 -0.38
C ILE A 67 -11.02 -4.82 -1.52
N ASP A 68 -11.18 -4.28 -2.73
CA ASP A 68 -11.63 -5.00 -3.93
C ASP A 68 -10.86 -4.54 -5.19
N GLU A 69 -10.56 -5.48 -6.09
CA GLU A 69 -9.85 -5.25 -7.37
C GLU A 69 -10.55 -4.24 -8.30
N LYS A 70 -11.85 -4.00 -8.09
CA LYS A 70 -12.68 -3.08 -8.89
C LYS A 70 -12.58 -1.63 -8.41
N ASN A 71 -11.95 -1.42 -7.24
CA ASN A 71 -11.59 -0.11 -6.69
C ASN A 71 -10.05 0.00 -6.56
N PHE A 72 -9.53 1.15 -6.10
CA PHE A 72 -8.09 1.43 -6.02
C PHE A 72 -7.65 2.10 -4.70
N VAL A 73 -6.34 2.15 -4.48
CA VAL A 73 -5.67 2.37 -3.20
C VAL A 73 -4.53 3.34 -3.45
N VAL A 74 -4.48 4.46 -2.73
CA VAL A 74 -3.54 5.56 -3.01
C VAL A 74 -2.36 5.46 -2.06
N VAL A 75 -1.17 5.29 -2.63
CA VAL A 75 0.12 5.17 -1.95
C VAL A 75 0.85 6.51 -1.98
N MET A 76 1.43 6.89 -0.84
CA MET A 76 2.04 8.20 -0.57
C MET A 76 3.37 8.02 0.18
N VAL A 77 4.25 9.03 0.16
CA VAL A 77 5.55 9.01 0.86
C VAL A 77 5.81 10.37 1.54
N THR A 78 6.39 10.34 2.75
CA THR A 78 6.71 11.54 3.53
C THR A 78 8.06 11.42 4.26
N LYS A 79 8.73 12.56 4.48
CA LYS A 79 10.03 12.70 5.16
C LYS A 79 10.06 14.04 5.95
N PRO A 80 10.70 14.12 7.13
CA PRO A 80 10.72 15.33 7.99
C PRO A 80 11.12 16.67 7.36
N LYS A 81 11.81 16.65 6.20
CA LYS A 81 12.15 17.86 5.42
C LYS A 81 10.94 18.60 4.85
N ALA A 82 9.77 17.96 4.73
CA ALA A 82 8.53 18.55 4.23
C ALA A 82 8.05 19.71 5.13
N VAL A 83 8.04 20.93 4.56
CA VAL A 83 7.72 22.19 5.28
C VAL A 83 6.87 23.18 4.46
N SER A 84 6.53 22.84 3.21
CA SER A 84 5.75 23.67 2.29
C SER A 84 4.34 24.00 2.80
N THR A 85 3.81 25.16 2.40
CA THR A 85 2.48 25.71 2.76
C THR A 85 1.78 26.41 1.59
N GLY A 1 -11.20 -17.24 -0.46
CA GLY A 1 -10.07 -17.48 -1.38
C GLY A 1 -8.73 -17.28 -0.69
N SER A 2 -7.68 -17.98 -1.16
CA SER A 2 -6.32 -17.92 -0.61
C SER A 2 -5.61 -16.56 -0.79
N HIS A 3 -6.06 -15.75 -1.75
CA HIS A 3 -5.48 -14.47 -2.12
C HIS A 3 -6.56 -13.50 -2.64
N MET A 4 -6.21 -12.21 -2.74
CA MET A 4 -7.01 -11.16 -3.40
C MET A 4 -6.10 -10.21 -4.18
N GLN A 5 -6.67 -9.48 -5.15
CA GLN A 5 -5.96 -8.52 -5.99
C GLN A 5 -6.43 -7.08 -5.71
N VAL A 6 -5.52 -6.12 -5.83
CA VAL A 6 -5.74 -4.70 -5.53
C VAL A 6 -5.03 -3.84 -6.58
N THR A 7 -5.63 -2.69 -6.91
CA THR A 7 -5.11 -1.70 -7.86
C THR A 7 -4.47 -0.56 -7.06
N LEU A 8 -3.19 -0.27 -7.29
CA LEU A 8 -2.42 0.70 -6.50
C LEU A 8 -1.99 1.87 -7.38
N LYS A 9 -2.30 3.11 -6.97
CA LYS A 9 -1.92 4.33 -7.70
C LYS A 9 -1.06 5.28 -6.87
N THR A 10 -0.17 6.00 -7.54
CA THR A 10 0.92 6.74 -6.89
C THR A 10 0.62 8.24 -6.74
N LEU A 11 1.39 8.90 -5.87
CA LEU A 11 1.57 10.36 -5.83
C LEU A 11 2.25 10.97 -7.09
N GLN A 12 2.46 10.18 -8.14
CA GLN A 12 3.10 10.57 -9.41
C GLN A 12 2.27 10.12 -10.64
N GLN A 13 0.95 9.90 -10.45
CA GLN A 13 -0.03 9.65 -11.51
C GLN A 13 0.27 8.40 -12.37
N GLN A 14 0.55 7.26 -11.71
CA GLN A 14 0.78 5.94 -12.30
C GLN A 14 -0.01 4.91 -11.49
N THR A 15 -0.48 3.83 -12.12
CA THR A 15 -1.30 2.78 -11.46
C THR A 15 -0.88 1.38 -11.90
N PHE A 16 -0.91 0.41 -10.98
CA PHE A 16 -0.46 -0.98 -11.17
C PHE A 16 -1.31 -1.98 -10.34
N LYS A 17 -1.12 -3.29 -10.57
CA LYS A 17 -1.97 -4.39 -10.07
C LYS A 17 -1.13 -5.39 -9.25
N ILE A 18 -1.54 -5.62 -8.01
CA ILE A 18 -0.83 -6.42 -6.98
C ILE A 18 -1.78 -7.46 -6.38
N ASP A 19 -1.27 -8.61 -5.93
CA ASP A 19 -2.06 -9.64 -5.25
C ASP A 19 -1.32 -10.26 -4.04
N ILE A 20 -2.02 -10.37 -2.91
CA ILE A 20 -1.53 -10.86 -1.61
C ILE A 20 -2.63 -11.63 -0.84
N ASP A 21 -2.27 -12.31 0.26
CA ASP A 21 -3.22 -12.95 1.17
C ASP A 21 -4.13 -11.92 1.89
N PRO A 22 -5.48 -12.05 1.86
CA PRO A 22 -6.41 -11.09 2.48
C PRO A 22 -6.39 -11.12 4.03
N GLU A 23 -5.91 -12.21 4.62
CA GLU A 23 -5.75 -12.39 6.06
C GLU A 23 -4.50 -11.72 6.65
N GLU A 24 -3.56 -11.24 5.82
CA GLU A 24 -2.35 -10.55 6.29
C GLU A 24 -2.60 -9.06 6.54
N THR A 25 -1.69 -8.40 7.26
CA THR A 25 -1.76 -6.94 7.51
C THR A 25 -1.42 -6.13 6.26
N VAL A 26 -1.67 -4.82 6.31
CA VAL A 26 -1.27 -3.84 5.26
C VAL A 26 0.20 -3.95 4.85
N LYS A 27 1.08 -4.39 5.77
CA LYS A 27 2.50 -4.67 5.48
C LYS A 27 2.69 -5.66 4.32
N ALA A 28 1.77 -6.60 4.08
CA ALA A 28 1.86 -7.51 2.92
C ALA A 28 1.83 -6.78 1.57
N LEU A 29 0.93 -5.80 1.39
CA LEU A 29 0.94 -4.89 0.23
C LEU A 29 2.14 -3.95 0.28
N LYS A 30 2.44 -3.37 1.44
CA LYS A 30 3.37 -2.24 1.55
C LYS A 30 4.86 -2.62 1.54
N GLU A 31 5.20 -3.81 2.05
CA GLU A 31 6.54 -4.38 1.92
C GLU A 31 6.84 -4.78 0.47
N LYS A 32 5.89 -5.40 -0.25
CA LYS A 32 6.18 -6.06 -1.52
C LYS A 32 6.54 -5.09 -2.66
N ILE A 33 5.90 -3.91 -2.71
CA ILE A 33 6.07 -2.97 -3.84
C ILE A 33 7.44 -2.28 -3.84
N GLU A 34 8.11 -2.18 -2.68
CA GLU A 34 9.50 -1.70 -2.59
C GLU A 34 10.45 -2.54 -3.46
N SER A 35 10.21 -3.84 -3.61
CA SER A 35 11.02 -4.72 -4.48
C SER A 35 10.86 -4.41 -5.97
N GLU A 36 9.75 -3.77 -6.37
CA GLU A 36 9.42 -3.43 -7.76
C GLU A 36 9.70 -1.96 -8.13
N LYS A 37 9.52 -1.03 -7.18
CA LYS A 37 9.74 0.42 -7.38
C LYS A 37 11.09 0.90 -6.84
N GLY A 38 11.69 0.15 -5.93
CA GLY A 38 12.96 0.43 -5.26
C GLY A 38 12.82 1.24 -3.96
N LYS A 39 13.74 0.97 -3.02
CA LYS A 39 13.99 1.73 -1.77
C LYS A 39 14.06 3.25 -1.98
N ASP A 40 14.62 3.68 -3.11
CA ASP A 40 14.80 5.11 -3.45
C ASP A 40 13.47 5.84 -3.69
N ALA A 41 12.45 5.15 -4.24
CA ALA A 41 11.18 5.74 -4.62
C ALA A 41 10.04 5.45 -3.62
N PHE A 42 10.04 4.26 -3.00
CA PHE A 42 9.00 3.79 -2.08
C PHE A 42 9.61 3.03 -0.87
N PRO A 43 10.37 3.71 0.01
CA PRO A 43 10.96 3.09 1.20
C PRO A 43 9.86 2.63 2.17
N VAL A 44 9.91 1.36 2.61
CA VAL A 44 8.90 0.74 3.49
C VAL A 44 8.63 1.53 4.77
N ALA A 45 9.70 2.05 5.39
CA ALA A 45 9.66 2.86 6.61
C ALA A 45 9.19 4.32 6.39
N GLY A 46 8.96 4.71 5.13
CA GLY A 46 8.61 6.07 4.71
C GLY A 46 7.48 6.09 3.67
N GLN A 47 6.59 5.10 3.66
CA GLN A 47 5.39 5.09 2.81
C GLN A 47 4.10 4.68 3.55
N LYS A 48 2.96 5.15 3.01
CA LYS A 48 1.61 5.09 3.58
C LYS A 48 0.58 4.76 2.48
N LEU A 49 -0.53 4.13 2.87
CA LEU A 49 -1.64 3.71 2.02
C LEU A 49 -2.98 4.35 2.46
N ILE A 50 -3.85 4.61 1.49
CA ILE A 50 -5.26 5.01 1.66
C ILE A 50 -6.13 4.16 0.74
N TYR A 51 -7.22 3.59 1.25
CA TYR A 51 -8.22 2.90 0.43
C TYR A 51 -9.46 3.79 0.23
N ALA A 52 -9.41 4.65 -0.80
CA ALA A 52 -10.50 5.51 -1.27
C ALA A 52 -11.17 6.38 -0.17
N GLY A 53 -10.45 6.71 0.90
CA GLY A 53 -10.95 7.46 2.06
C GLY A 53 -10.74 6.78 3.42
N LYS A 54 -10.29 5.51 3.45
CA LYS A 54 -10.02 4.74 4.67
C LYS A 54 -8.52 4.74 4.98
N ILE A 55 -8.19 4.80 6.27
CA ILE A 55 -6.82 4.96 6.76
C ILE A 55 -6.29 3.58 7.17
N LEU A 56 -5.67 2.90 6.19
CA LEU A 56 -5.06 1.57 6.34
C LEU A 56 -3.98 1.56 7.42
N ASN A 57 -3.88 0.45 8.16
CA ASN A 57 -3.13 0.32 9.41
C ASN A 57 -2.19 -0.90 9.40
N ASP A 58 -0.92 -0.69 9.72
CA ASP A 58 0.14 -1.72 9.71
C ASP A 58 -0.05 -2.89 10.68
N ASP A 59 -1.00 -2.77 11.61
CA ASP A 59 -1.33 -3.75 12.65
C ASP A 59 -2.74 -4.35 12.49
N THR A 60 -3.43 -4.11 11.35
CA THR A 60 -4.79 -4.62 11.09
C THR A 60 -4.86 -5.30 9.71
N ALA A 61 -5.53 -6.45 9.66
CA ALA A 61 -5.63 -7.34 8.50
C ALA A 61 -6.43 -6.73 7.34
N LEU A 62 -5.99 -7.01 6.10
CA LEU A 62 -6.49 -6.40 4.86
C LEU A 62 -7.99 -6.57 4.62
N LYS A 63 -8.56 -7.73 4.94
CA LYS A 63 -10.02 -7.98 4.83
C LYS A 63 -10.90 -7.11 5.73
N GLU A 64 -10.36 -6.50 6.81
CA GLU A 64 -11.10 -5.58 7.68
C GLU A 64 -11.42 -4.24 7.00
N TYR A 65 -10.66 -3.88 5.97
CA TYR A 65 -10.92 -2.71 5.11
C TYR A 65 -11.85 -3.06 3.92
N LYS A 66 -12.16 -4.35 3.75
CA LYS A 66 -12.97 -4.96 2.66
C LYS A 66 -12.65 -4.39 1.26
N ILE A 67 -11.36 -4.43 0.93
CA ILE A 67 -10.79 -3.96 -0.35
C ILE A 67 -11.36 -4.77 -1.53
N ASP A 68 -11.45 -4.15 -2.71
CA ASP A 68 -12.07 -4.69 -3.93
C ASP A 68 -11.18 -4.50 -5.17
N GLU A 69 -11.08 -5.53 -6.00
CA GLU A 69 -10.19 -5.60 -7.18
C GLU A 69 -10.57 -4.67 -8.35
N LYS A 70 -11.74 -4.03 -8.31
CA LYS A 70 -12.25 -3.08 -9.32
C LYS A 70 -12.18 -1.62 -8.83
N ASN A 71 -11.86 -1.42 -7.55
CA ASN A 71 -11.52 -0.14 -6.94
C ASN A 71 -9.99 -0.01 -6.81
N PHE A 72 -9.49 1.11 -6.24
CA PHE A 72 -8.06 1.35 -6.05
C PHE A 72 -7.69 1.91 -4.67
N VAL A 73 -6.40 1.75 -4.36
CA VAL A 73 -5.70 2.21 -3.16
C VAL A 73 -4.63 3.20 -3.61
N VAL A 74 -4.40 4.25 -2.84
CA VAL A 74 -3.36 5.26 -3.14
C VAL A 74 -2.15 5.03 -2.23
N VAL A 75 -0.97 4.89 -2.84
CA VAL A 75 0.33 4.78 -2.14
C VAL A 75 1.05 6.14 -2.19
N MET A 76 1.51 6.61 -1.02
CA MET A 76 2.15 7.93 -0.85
C MET A 76 3.38 7.85 0.07
N VAL A 77 4.28 8.83 -0.01
CA VAL A 77 5.69 8.70 0.45
C VAL A 77 6.14 9.97 1.17
N THR A 78 6.99 9.81 2.19
CA THR A 78 7.60 10.88 3.00
C THR A 78 9.06 10.51 3.32
N LYS A 79 9.98 11.41 2.98
CA LYS A 79 11.43 11.26 3.11
C LYS A 79 12.08 12.54 3.68
N PRO A 80 13.25 12.45 4.35
CA PRO A 80 13.89 13.60 5.01
C PRO A 80 14.42 14.62 3.99
N LYS A 81 14.31 15.92 4.33
CA LYS A 81 14.81 17.05 3.53
C LYS A 81 16.35 17.10 3.48
N ALA A 82 17.02 16.63 4.53
CA ALA A 82 18.48 16.54 4.63
C ALA A 82 19.07 15.50 3.65
N VAL A 83 19.59 15.96 2.52
CA VAL A 83 20.28 15.14 1.50
C VAL A 83 21.50 15.84 0.89
N SER A 84 21.46 17.16 0.75
CA SER A 84 22.57 18.03 0.30
C SER A 84 22.76 19.24 1.24
N THR A 85 24.00 19.73 1.34
CA THR A 85 24.44 20.82 2.24
C THR A 85 25.44 21.73 1.54
N GLY A 1 -4.84 -17.98 3.34
CA GLY A 1 -3.99 -18.73 2.39
C GLY A 1 -4.72 -19.00 1.07
N SER A 2 -4.89 -17.97 0.24
CA SER A 2 -5.58 -18.01 -1.05
C SER A 2 -5.20 -16.88 -2.02
N HIS A 3 -4.70 -15.75 -1.52
CA HIS A 3 -4.45 -14.48 -2.24
C HIS A 3 -5.68 -13.82 -2.92
N MET A 4 -5.67 -12.49 -2.95
CA MET A 4 -6.57 -11.64 -3.74
C MET A 4 -5.79 -10.45 -4.31
N GLN A 5 -6.30 -9.81 -5.36
CA GLN A 5 -5.61 -8.71 -6.05
C GLN A 5 -6.11 -7.32 -5.62
N VAL A 6 -5.23 -6.31 -5.68
CA VAL A 6 -5.55 -4.90 -5.41
C VAL A 6 -4.83 -4.02 -6.43
N THR A 7 -5.43 -2.90 -6.80
CA THR A 7 -4.96 -1.95 -7.83
C THR A 7 -4.49 -0.68 -7.15
N LEU A 8 -3.24 -0.28 -7.36
CA LEU A 8 -2.56 0.74 -6.54
C LEU A 8 -2.11 1.91 -7.41
N LYS A 9 -2.50 3.13 -7.06
CA LYS A 9 -2.01 4.37 -7.69
C LYS A 9 -1.18 5.20 -6.71
N THR A 10 -0.54 6.28 -7.20
CA THR A 10 0.47 7.03 -6.44
C THR A 10 0.34 8.54 -6.62
N LEU A 11 1.05 9.31 -5.78
CA LEU A 11 1.26 10.75 -5.98
C LEU A 11 1.98 11.07 -7.31
N GLN A 12 2.76 10.12 -7.84
CA GLN A 12 3.38 10.17 -9.17
C GLN A 12 2.41 9.82 -10.32
N GLN A 13 1.13 9.58 -10.01
CA GLN A 13 0.00 9.43 -10.95
C GLN A 13 0.23 8.29 -11.97
N GLN A 14 0.49 7.09 -11.44
CA GLN A 14 0.76 5.84 -12.15
C GLN A 14 0.03 4.75 -11.37
N THR A 15 -0.55 3.75 -12.04
CA THR A 15 -1.33 2.68 -11.38
C THR A 15 -0.82 1.29 -11.78
N PHE A 16 -0.79 0.35 -10.83
CA PHE A 16 -0.26 -1.01 -10.99
C PHE A 16 -1.07 -2.04 -10.20
N LYS A 17 -0.80 -3.34 -10.41
CA LYS A 17 -1.66 -4.48 -10.05
C LYS A 17 -0.90 -5.47 -9.18
N ILE A 18 -1.37 -5.68 -7.96
CA ILE A 18 -0.67 -6.40 -6.88
C ILE A 18 -1.55 -7.52 -6.34
N ASP A 19 -0.98 -8.54 -5.70
CA ASP A 19 -1.71 -9.60 -5.00
C ASP A 19 -1.01 -9.99 -3.70
N ILE A 20 -1.78 -10.08 -2.61
CA ILE A 20 -1.37 -10.54 -1.28
C ILE A 20 -2.55 -11.29 -0.61
N ASP A 21 -2.33 -11.95 0.52
CA ASP A 21 -3.39 -12.74 1.18
C ASP A 21 -4.50 -11.86 1.81
N PRO A 22 -5.80 -12.21 1.69
CA PRO A 22 -6.93 -11.41 2.21
C PRO A 22 -6.86 -11.06 3.70
N GLU A 23 -6.20 -11.88 4.51
CA GLU A 23 -6.09 -11.74 5.97
C GLU A 23 -4.66 -11.44 6.47
N GLU A 24 -3.71 -11.18 5.57
CA GLU A 24 -2.44 -10.52 5.94
C GLU A 24 -2.67 -9.02 6.23
N THR A 25 -1.75 -8.38 6.96
CA THR A 25 -1.78 -6.93 7.22
C THR A 25 -1.24 -6.13 6.03
N VAL A 26 -1.46 -4.81 6.04
CA VAL A 26 -0.90 -3.88 5.02
C VAL A 26 0.62 -4.00 4.87
N LYS A 27 1.34 -4.43 5.92
CA LYS A 27 2.76 -4.81 5.86
C LYS A 27 3.07 -5.72 4.67
N ALA A 28 2.22 -6.71 4.36
CA ALA A 28 2.39 -7.57 3.18
C ALA A 28 2.27 -6.79 1.85
N LEU A 29 1.24 -5.94 1.72
CA LEU A 29 1.03 -5.04 0.57
C LEU A 29 2.17 -4.05 0.37
N LYS A 30 2.86 -3.65 1.45
CA LYS A 30 3.78 -2.51 1.40
C LYS A 30 5.25 -2.86 1.58
N GLU A 31 5.56 -4.02 2.14
CA GLU A 31 6.84 -4.69 1.92
C GLU A 31 7.01 -5.07 0.45
N LYS A 32 5.96 -5.59 -0.23
CA LYS A 32 6.16 -6.20 -1.54
C LYS A 32 6.47 -5.19 -2.65
N ILE A 33 5.83 -4.01 -2.67
CA ILE A 33 5.94 -3.06 -3.77
C ILE A 33 7.32 -2.38 -3.84
N GLU A 34 8.05 -2.32 -2.72
CA GLU A 34 9.44 -1.81 -2.68
C GLU A 34 10.36 -2.64 -3.60
N SER A 35 10.08 -3.93 -3.80
CA SER A 35 10.84 -4.78 -4.74
C SER A 35 10.62 -4.43 -6.22
N GLU A 36 9.61 -3.61 -6.53
CA GLU A 36 9.19 -3.25 -7.90
C GLU A 36 9.29 -1.74 -8.19
N LYS A 37 9.08 -0.90 -7.18
CA LYS A 37 9.11 0.58 -7.25
C LYS A 37 10.34 1.20 -6.57
N GLY A 38 11.08 0.40 -5.81
CA GLY A 38 12.41 0.71 -5.26
C GLY A 38 12.40 1.44 -3.91
N LYS A 39 13.41 1.13 -3.08
CA LYS A 39 13.80 1.87 -1.86
C LYS A 39 13.97 3.37 -2.10
N ASP A 40 14.43 3.74 -3.30
CA ASP A 40 14.72 5.12 -3.73
C ASP A 40 13.46 6.02 -3.84
N ALA A 41 12.26 5.43 -3.94
CA ALA A 41 11.01 6.17 -4.16
C ALA A 41 9.83 5.72 -3.25
N PHE A 42 9.85 4.49 -2.74
CA PHE A 42 8.82 3.92 -1.85
C PHE A 42 9.45 3.09 -0.71
N PRO A 43 10.26 3.70 0.17
CA PRO A 43 10.90 2.99 1.29
C PRO A 43 9.87 2.44 2.28
N VAL A 44 9.96 1.16 2.63
CA VAL A 44 9.07 0.47 3.60
C VAL A 44 8.92 1.23 4.92
N ALA A 45 10.04 1.81 5.35
CA ALA A 45 10.22 2.63 6.55
C ALA A 45 9.37 3.92 6.60
N GLY A 46 8.85 4.40 5.46
CA GLY A 46 8.13 5.67 5.34
C GLY A 46 6.93 5.67 4.40
N GLN A 47 6.68 4.61 3.62
CA GLN A 47 5.50 4.54 2.76
C GLN A 47 4.20 4.24 3.55
N LYS A 48 3.10 4.80 3.04
CA LYS A 48 1.75 4.89 3.63
C LYS A 48 0.70 4.65 2.53
N LEU A 49 -0.52 4.26 2.90
CA LEU A 49 -1.58 3.84 1.97
C LEU A 49 -2.96 4.37 2.40
N ILE A 50 -3.87 4.47 1.43
CA ILE A 50 -5.26 4.98 1.53
C ILE A 50 -6.19 4.09 0.68
N TYR A 51 -7.41 3.85 1.15
CA TYR A 51 -8.48 3.21 0.37
C TYR A 51 -9.71 4.11 0.30
N ALA A 52 -9.76 4.95 -0.75
CA ALA A 52 -10.89 5.80 -1.14
C ALA A 52 -11.45 6.76 -0.06
N GLY A 53 -10.68 7.06 1.00
CA GLY A 53 -11.09 7.94 2.11
C GLY A 53 -10.76 7.42 3.51
N LYS A 54 -10.17 6.23 3.65
CA LYS A 54 -9.73 5.62 4.92
C LYS A 54 -8.25 5.27 4.87
N ILE A 55 -7.58 5.25 6.03
CA ILE A 55 -6.13 5.12 6.14
C ILE A 55 -5.78 3.64 6.44
N LEU A 56 -4.99 3.03 5.56
CA LEU A 56 -4.51 1.66 5.71
C LEU A 56 -3.40 1.57 6.79
N ASN A 57 -3.38 0.45 7.53
CA ASN A 57 -2.64 0.30 8.78
C ASN A 57 -1.78 -0.99 8.77
N ASP A 58 -0.48 -0.86 9.06
CA ASP A 58 0.47 -1.99 9.08
C ASP A 58 0.15 -3.09 10.12
N ASP A 59 -0.78 -2.83 11.04
CA ASP A 59 -1.17 -3.73 12.14
C ASP A 59 -2.61 -4.28 12.02
N THR A 60 -3.33 -3.99 10.92
CA THR A 60 -4.70 -4.47 10.65
C THR A 60 -4.76 -5.12 9.26
N ALA A 61 -5.58 -6.16 9.13
CA ALA A 61 -5.66 -7.02 7.95
C ALA A 61 -6.50 -6.44 6.79
N LEU A 62 -6.09 -6.75 5.55
CA LEU A 62 -6.68 -6.28 4.29
C LEU A 62 -8.21 -6.27 4.24
N LYS A 63 -8.86 -7.39 4.59
CA LYS A 63 -10.33 -7.54 4.57
C LYS A 63 -11.11 -6.60 5.49
N GLU A 64 -10.51 -6.06 6.55
CA GLU A 64 -11.18 -5.12 7.47
C GLU A 64 -11.32 -3.71 6.89
N TYR A 65 -10.44 -3.35 5.94
CA TYR A 65 -10.63 -2.15 5.09
C TYR A 65 -11.70 -2.36 4.00
N LYS A 66 -12.09 -3.62 3.76
CA LYS A 66 -13.13 -4.08 2.82
C LYS A 66 -12.79 -3.77 1.35
N ILE A 67 -11.52 -3.97 0.98
CA ILE A 67 -10.98 -3.71 -0.35
C ILE A 67 -11.56 -4.71 -1.37
N ASP A 68 -11.80 -4.26 -2.61
CA ASP A 68 -12.37 -5.07 -3.69
C ASP A 68 -11.45 -5.08 -4.92
N GLU A 69 -11.35 -6.23 -5.59
CA GLU A 69 -10.43 -6.46 -6.73
C GLU A 69 -10.71 -5.56 -7.96
N LYS A 70 -11.88 -4.92 -8.04
CA LYS A 70 -12.28 -3.98 -9.10
C LYS A 70 -12.19 -2.50 -8.69
N ASN A 71 -11.86 -2.23 -7.43
CA ASN A 71 -11.58 -0.88 -6.91
C ASN A 71 -10.06 -0.63 -6.81
N PHE A 72 -9.65 0.57 -6.42
CA PHE A 72 -8.22 0.94 -6.27
C PHE A 72 -7.90 1.68 -4.96
N VAL A 73 -6.60 1.74 -4.67
CA VAL A 73 -5.93 2.17 -3.43
C VAL A 73 -4.87 3.20 -3.83
N VAL A 74 -4.55 4.15 -2.96
CA VAL A 74 -3.52 5.17 -3.20
C VAL A 74 -2.35 4.96 -2.23
N VAL A 75 -1.12 5.21 -2.69
CA VAL A 75 0.12 5.04 -1.92
C VAL A 75 0.88 6.36 -1.86
N MET A 76 1.41 6.67 -0.67
CA MET A 76 2.03 7.94 -0.26
C MET A 76 3.36 7.66 0.47
N VAL A 77 4.23 8.65 0.62
CA VAL A 77 5.45 8.56 1.47
C VAL A 77 5.52 9.78 2.39
N THR A 78 5.88 9.57 3.66
CA THR A 78 6.02 10.59 4.69
C THR A 78 7.26 10.33 5.56
N LYS A 79 7.87 11.40 6.09
CA LYS A 79 9.12 11.39 6.88
C LYS A 79 10.24 10.48 6.29
N PRO A 80 10.61 10.64 5.01
CA PRO A 80 11.71 9.87 4.38
C PRO A 80 13.10 10.29 4.93
N LYS A 81 14.15 9.58 4.52
CA LYS A 81 15.57 9.87 4.80
C LYS A 81 16.09 11.09 3.99
N ALA A 82 15.42 12.23 4.12
CA ALA A 82 15.80 13.50 3.48
C ALA A 82 17.10 14.06 4.10
N VAL A 83 18.24 13.86 3.42
CA VAL A 83 19.59 14.27 3.88
C VAL A 83 20.41 15.01 2.79
N SER A 84 19.81 15.26 1.63
CA SER A 84 20.40 16.01 0.50
C SER A 84 19.44 17.10 -0.01
N THR A 85 19.99 18.19 -0.55
CA THR A 85 19.26 19.38 -1.08
C THR A 85 19.92 19.94 -2.33
N GLY A 1 -4.81 -20.60 -6.02
CA GLY A 1 -4.30 -20.09 -4.73
C GLY A 1 -5.40 -19.40 -3.92
N SER A 2 -5.00 -18.55 -2.96
CA SER A 2 -5.91 -17.94 -1.96
C SER A 2 -5.73 -16.41 -1.79
N HIS A 3 -4.89 -15.77 -2.64
CA HIS A 3 -4.70 -14.33 -2.65
C HIS A 3 -5.96 -13.54 -3.08
N MET A 4 -5.90 -12.22 -2.85
CA MET A 4 -6.82 -11.20 -3.35
C MET A 4 -5.99 -10.13 -4.08
N GLN A 5 -6.46 -9.65 -5.23
CA GLN A 5 -5.77 -8.67 -6.06
C GLN A 5 -6.34 -7.26 -5.83
N VAL A 6 -5.45 -6.27 -5.78
CA VAL A 6 -5.75 -4.87 -5.45
C VAL A 6 -4.97 -3.95 -6.40
N THR A 7 -5.55 -2.79 -6.71
CA THR A 7 -5.02 -1.82 -7.68
C THR A 7 -4.49 -0.61 -6.92
N LEU A 8 -3.21 -0.25 -7.14
CA LEU A 8 -2.51 0.77 -6.36
C LEU A 8 -2.09 1.93 -7.28
N LYS A 9 -2.49 3.16 -6.96
CA LYS A 9 -2.11 4.37 -7.71
C LYS A 9 -1.31 5.36 -6.87
N THR A 10 -0.68 6.33 -7.52
CA THR A 10 0.37 7.16 -6.90
C THR A 10 0.27 8.64 -7.31
N LEU A 11 0.94 9.51 -6.53
CA LEU A 11 1.15 10.93 -6.86
C LEU A 11 1.92 11.14 -8.18
N GLN A 12 2.65 10.12 -8.65
CA GLN A 12 3.38 10.11 -9.92
C GLN A 12 2.48 9.82 -11.15
N GLN A 13 1.15 9.80 -10.94
CA GLN A 13 0.12 9.53 -11.97
C GLN A 13 0.34 8.17 -12.66
N GLN A 14 0.53 7.11 -11.86
CA GLN A 14 0.87 5.77 -12.28
C GLN A 14 0.09 4.77 -11.42
N THR A 15 -0.38 3.67 -12.01
CA THR A 15 -1.20 2.65 -11.35
C THR A 15 -0.74 1.24 -11.72
N PHE A 16 -0.79 0.30 -10.76
CA PHE A 16 -0.32 -1.08 -10.92
C PHE A 16 -1.16 -2.08 -10.09
N LYS A 17 -0.94 -3.38 -10.30
CA LYS A 17 -1.79 -4.49 -9.84
C LYS A 17 -0.97 -5.47 -8.98
N ILE A 18 -1.40 -5.68 -7.74
CA ILE A 18 -0.70 -6.45 -6.71
C ILE A 18 -1.65 -7.49 -6.09
N ASP A 19 -1.14 -8.65 -5.68
CA ASP A 19 -1.93 -9.71 -5.04
C ASP A 19 -1.18 -10.32 -3.84
N ILE A 20 -1.88 -10.40 -2.70
CA ILE A 20 -1.42 -10.93 -1.40
C ILE A 20 -2.60 -11.62 -0.68
N ASP A 21 -2.36 -12.35 0.41
CA ASP A 21 -3.42 -12.94 1.23
C ASP A 21 -4.35 -11.86 1.84
N PRO A 22 -5.70 -11.91 1.65
CA PRO A 22 -6.63 -10.94 2.25
C PRO A 22 -6.72 -11.03 3.78
N GLU A 23 -6.36 -12.19 4.36
CA GLU A 23 -6.26 -12.42 5.80
C GLU A 23 -4.94 -11.93 6.43
N GLU A 24 -3.97 -11.44 5.63
CA GLU A 24 -2.69 -10.91 6.12
C GLU A 24 -2.73 -9.38 6.21
N THR A 25 -1.81 -8.77 6.95
CA THR A 25 -1.80 -7.32 7.23
C THR A 25 -1.17 -6.49 6.10
N VAL A 26 -1.37 -5.17 6.17
CA VAL A 26 -0.80 -4.19 5.21
C VAL A 26 0.71 -4.30 5.05
N LYS A 27 1.45 -4.80 6.04
CA LYS A 27 2.89 -5.13 5.92
C LYS A 27 3.19 -5.96 4.67
N ALA A 28 2.41 -6.99 4.39
CA ALA A 28 2.61 -7.88 3.24
C ALA A 28 2.46 -7.14 1.88
N LEU A 29 1.45 -6.27 1.76
CA LEU A 29 1.18 -5.44 0.60
C LEU A 29 2.22 -4.33 0.44
N LYS A 30 2.58 -3.65 1.53
CA LYS A 30 3.46 -2.47 1.50
C LYS A 30 4.95 -2.79 1.43
N GLU A 31 5.39 -3.91 2.01
CA GLU A 31 6.78 -4.37 1.87
C GLU A 31 7.07 -4.92 0.46
N LYS A 32 6.11 -5.63 -0.17
CA LYS A 32 6.38 -6.27 -1.47
C LYS A 32 6.64 -5.26 -2.60
N ILE A 33 5.96 -4.10 -2.58
CA ILE A 33 6.08 -3.10 -3.65
C ILE A 33 7.44 -2.37 -3.62
N GLU A 34 8.09 -2.30 -2.46
CA GLU A 34 9.47 -1.77 -2.35
C GLU A 34 10.47 -2.64 -3.15
N SER A 35 10.24 -3.96 -3.25
CA SER A 35 11.07 -4.85 -4.08
C SER A 35 10.94 -4.57 -5.59
N GLU A 36 9.85 -3.93 -6.02
CA GLU A 36 9.57 -3.59 -7.43
C GLU A 36 9.88 -2.13 -7.79
N LYS A 37 9.62 -1.18 -6.87
CA LYS A 37 9.82 0.27 -7.08
C LYS A 37 11.13 0.79 -6.49
N GLY A 38 11.68 0.09 -5.49
CA GLY A 38 12.91 0.42 -4.76
C GLY A 38 12.69 1.34 -3.55
N LYS A 39 13.61 1.27 -2.58
CA LYS A 39 13.77 2.25 -1.47
C LYS A 39 13.88 3.69 -1.99
N ASP A 40 14.50 3.84 -3.15
CA ASP A 40 14.67 5.09 -3.90
C ASP A 40 13.35 5.79 -4.28
N ALA A 41 12.21 5.08 -4.23
CA ALA A 41 10.89 5.60 -4.61
C ALA A 41 9.77 5.31 -3.57
N PHE A 42 9.76 4.15 -2.91
CA PHE A 42 8.73 3.75 -1.94
C PHE A 42 9.34 3.03 -0.72
N PRO A 43 10.12 3.72 0.12
CA PRO A 43 10.74 3.14 1.30
C PRO A 43 9.69 2.73 2.34
N VAL A 44 9.76 1.51 2.86
CA VAL A 44 8.88 1.01 3.95
C VAL A 44 8.89 1.93 5.18
N ALA A 45 10.01 2.59 5.46
CA ALA A 45 10.20 3.57 6.52
C ALA A 45 9.46 4.92 6.33
N GLY A 46 8.90 5.18 5.14
CA GLY A 46 8.33 6.49 4.77
C GLY A 46 7.08 6.48 3.89
N GLN A 47 6.70 5.34 3.32
CA GLN A 47 5.44 5.23 2.56
C GLN A 47 4.18 5.22 3.47
N LYS A 48 3.04 5.62 2.90
CA LYS A 48 1.69 5.67 3.48
C LYS A 48 0.66 5.23 2.43
N LEU A 49 -0.48 4.69 2.86
CA LEU A 49 -1.46 4.00 2.03
C LEU A 49 -2.90 4.37 2.45
N ILE A 50 -3.79 4.60 1.49
CA ILE A 50 -5.17 5.06 1.69
C ILE A 50 -6.14 4.31 0.77
N TYR A 51 -7.32 3.92 1.27
CA TYR A 51 -8.41 3.35 0.46
C TYR A 51 -9.63 4.28 0.46
N ALA A 52 -9.60 5.27 -0.43
CA ALA A 52 -10.65 6.27 -0.68
C ALA A 52 -11.12 7.07 0.57
N GLY A 53 -10.23 7.23 1.56
CA GLY A 53 -10.48 7.97 2.81
C GLY A 53 -10.19 7.17 4.09
N LYS A 54 -9.86 5.88 3.96
CA LYS A 54 -9.58 4.95 5.06
C LYS A 54 -8.07 4.80 5.24
N ILE A 55 -7.61 4.77 6.49
CA ILE A 55 -6.18 4.81 6.85
C ILE A 55 -5.71 3.38 7.14
N LEU A 56 -5.12 2.75 6.13
CA LEU A 56 -4.67 1.36 6.16
C LEU A 56 -3.49 1.18 7.15
N ASN A 57 -3.46 0.04 7.86
CA ASN A 57 -2.71 -0.16 9.09
C ASN A 57 -1.85 -1.45 9.08
N ASP A 58 -0.59 -1.34 9.48
CA ASP A 58 0.40 -2.44 9.50
C ASP A 58 0.05 -3.62 10.44
N ASP A 59 -0.97 -3.48 11.29
CA ASP A 59 -1.38 -4.49 12.28
C ASP A 59 -2.85 -4.96 12.07
N THR A 60 -3.47 -4.63 10.94
CA THR A 60 -4.85 -5.00 10.59
C THR A 60 -4.91 -5.57 9.17
N ALA A 61 -5.70 -6.64 8.99
CA ALA A 61 -5.73 -7.43 7.75
C ALA A 61 -6.46 -6.73 6.59
N LEU A 62 -6.01 -7.01 5.36
CA LEU A 62 -6.56 -6.46 4.11
C LEU A 62 -8.10 -6.52 3.98
N LYS A 63 -8.73 -7.62 4.43
CA LYS A 63 -10.20 -7.77 4.32
C LYS A 63 -11.02 -6.87 5.24
N GLU A 64 -10.45 -6.36 6.34
CA GLU A 64 -11.15 -5.50 7.32
C GLU A 64 -11.34 -4.05 6.81
N TYR A 65 -10.57 -3.64 5.79
CA TYR A 65 -10.80 -2.38 5.05
C TYR A 65 -11.88 -2.53 3.96
N LYS A 66 -12.42 -3.74 3.75
CA LYS A 66 -13.40 -4.13 2.72
C LYS A 66 -12.99 -3.68 1.30
N ILE A 67 -11.71 -3.86 0.95
CA ILE A 67 -11.18 -3.56 -0.38
C ILE A 67 -11.82 -4.49 -1.42
N ASP A 68 -12.01 -4.00 -2.64
CA ASP A 68 -12.64 -4.72 -3.76
C ASP A 68 -11.71 -4.78 -4.98
N GLU A 69 -11.65 -5.93 -5.66
CA GLU A 69 -10.70 -6.20 -6.74
C GLU A 69 -10.90 -5.33 -8.00
N LYS A 70 -12.03 -4.62 -8.11
CA LYS A 70 -12.38 -3.69 -9.20
C LYS A 70 -12.13 -2.22 -8.85
N ASN A 71 -11.87 -1.92 -7.57
CA ASN A 71 -11.56 -0.58 -7.05
C ASN A 71 -10.04 -0.39 -6.87
N PHE A 72 -9.61 0.82 -6.51
CA PHE A 72 -8.21 1.17 -6.29
C PHE A 72 -7.97 1.95 -4.98
N VAL A 73 -6.71 1.94 -4.55
CA VAL A 73 -6.18 2.55 -3.33
C VAL A 73 -4.99 3.45 -3.72
N VAL A 74 -4.72 4.51 -2.97
CA VAL A 74 -3.66 5.49 -3.27
C VAL A 74 -2.49 5.31 -2.32
N VAL A 75 -1.27 5.51 -2.81
CA VAL A 75 0.00 5.42 -2.06
C VAL A 75 0.70 6.77 -2.07
N MET A 76 1.31 7.15 -0.94
CA MET A 76 2.01 8.42 -0.71
C MET A 76 3.37 8.15 -0.03
N VAL A 77 4.32 9.08 -0.09
CA VAL A 77 5.65 8.96 0.55
C VAL A 77 6.09 10.29 1.16
N THR A 78 6.63 10.24 2.39
CA THR A 78 7.39 11.34 3.01
C THR A 78 8.59 10.83 3.81
N LYS A 79 9.58 11.70 4.04
CA LYS A 79 10.80 11.42 4.82
C LYS A 79 11.32 12.62 5.65
N PRO A 80 11.40 13.86 5.13
CA PRO A 80 11.98 14.98 5.89
C PRO A 80 11.03 15.64 6.90
N LYS A 81 9.70 15.44 6.75
CA LYS A 81 8.63 16.00 7.62
C LYS A 81 7.43 15.07 7.70
N ALA A 82 6.74 15.08 8.85
CA ALA A 82 5.45 14.41 9.04
C ALA A 82 4.32 15.22 8.37
N VAL A 83 3.84 14.76 7.21
CA VAL A 83 2.79 15.40 6.40
C VAL A 83 1.78 14.38 5.84
N SER A 84 0.59 14.86 5.46
CA SER A 84 -0.51 14.08 4.89
C SER A 84 -1.08 14.72 3.61
N THR A 85 -1.75 13.91 2.77
CA THR A 85 -2.28 14.28 1.45
C THR A 85 -3.73 13.82 1.28
N GLY A 1 -9.94 -15.64 -3.07
CA GLY A 1 -9.64 -17.02 -2.61
C GLY A 1 -8.53 -17.00 -1.57
N SER A 2 -7.53 -17.89 -1.72
CA SER A 2 -6.32 -17.92 -0.86
C SER A 2 -5.48 -16.64 -0.93
N HIS A 3 -5.61 -15.88 -2.03
CA HIS A 3 -5.09 -14.52 -2.21
C HIS A 3 -6.20 -13.59 -2.72
N MET A 4 -5.96 -12.28 -2.67
CA MET A 4 -6.78 -11.22 -3.26
C MET A 4 -5.90 -10.21 -3.99
N GLN A 5 -6.45 -9.48 -4.96
CA GLN A 5 -5.74 -8.56 -5.84
C GLN A 5 -6.21 -7.12 -5.62
N VAL A 6 -5.30 -6.14 -5.71
CA VAL A 6 -5.59 -4.72 -5.48
C VAL A 6 -4.94 -3.86 -6.58
N THR A 7 -5.55 -2.71 -6.89
CA THR A 7 -5.05 -1.73 -7.87
C THR A 7 -4.47 -0.52 -7.13
N LEU A 8 -3.23 -0.12 -7.43
CA LEU A 8 -2.50 0.92 -6.68
C LEU A 8 -2.09 2.09 -7.56
N LYS A 9 -2.46 3.32 -7.17
CA LYS A 9 -2.04 4.58 -7.81
C LYS A 9 -0.90 5.24 -7.04
N THR A 10 0.03 5.87 -7.75
CA THR A 10 1.20 6.57 -7.19
C THR A 10 1.04 8.10 -7.24
N LEU A 11 1.85 8.81 -6.44
CA LEU A 11 2.00 10.28 -6.54
C LEU A 11 2.53 10.72 -7.92
N GLN A 12 3.27 9.86 -8.61
CA GLN A 12 3.79 10.03 -9.97
C GLN A 12 2.74 9.77 -11.07
N GLN A 13 1.46 9.57 -10.71
CA GLN A 13 0.32 9.42 -11.61
C GLN A 13 0.43 8.18 -12.53
N GLN A 14 0.80 7.04 -11.94
CA GLN A 14 0.91 5.73 -12.58
C GLN A 14 0.09 4.72 -11.75
N THR A 15 -0.40 3.65 -12.37
CA THR A 15 -1.23 2.64 -11.68
C THR A 15 -0.75 1.22 -12.00
N PHE A 16 -0.79 0.33 -11.00
CA PHE A 16 -0.36 -1.07 -11.11
C PHE A 16 -1.26 -2.03 -10.31
N LYS A 17 -1.06 -3.34 -10.49
CA LYS A 17 -1.89 -4.44 -10.01
C LYS A 17 -1.02 -5.46 -9.28
N ILE A 18 -1.34 -5.77 -8.03
CA ILE A 18 -0.62 -6.72 -7.18
C ILE A 18 -1.57 -7.58 -6.34
N ASP A 19 -1.07 -8.66 -5.75
CA ASP A 19 -1.88 -9.62 -4.98
C ASP A 19 -1.14 -10.12 -3.71
N ILE A 20 -1.88 -10.29 -2.62
CA ILE A 20 -1.43 -10.78 -1.30
C ILE A 20 -2.52 -11.63 -0.62
N ASP A 21 -2.21 -12.31 0.48
CA ASP A 21 -3.21 -13.02 1.31
C ASP A 21 -4.24 -12.04 1.93
N PRO A 22 -5.57 -12.31 1.86
CA PRO A 22 -6.60 -11.43 2.44
C PRO A 22 -6.57 -11.37 3.97
N GLU A 23 -6.11 -12.47 4.59
CA GLU A 23 -5.93 -12.62 6.04
C GLU A 23 -4.66 -11.93 6.59
N GLU A 24 -3.75 -11.44 5.74
CA GLU A 24 -2.49 -10.83 6.15
C GLU A 24 -2.61 -9.29 6.26
N THR A 25 -1.75 -8.64 7.03
CA THR A 25 -1.83 -7.20 7.31
C THR A 25 -1.31 -6.33 6.17
N VAL A 26 -1.60 -5.02 6.24
CA VAL A 26 -1.12 -4.02 5.26
C VAL A 26 0.41 -4.02 5.13
N LYS A 27 1.15 -4.43 6.17
CA LYS A 27 2.60 -4.64 6.11
C LYS A 27 3.03 -5.48 4.89
N ALA A 28 2.33 -6.57 4.58
CA ALA A 28 2.66 -7.43 3.43
C ALA A 28 2.45 -6.73 2.08
N LEU A 29 1.30 -6.06 1.89
CA LEU A 29 0.96 -5.21 0.75
C LEU A 29 1.96 -4.06 0.59
N LYS A 30 2.43 -3.48 1.69
CA LYS A 30 3.33 -2.32 1.74
C LYS A 30 4.80 -2.68 1.53
N GLU A 31 5.28 -3.79 2.10
CA GLU A 31 6.63 -4.31 1.85
C GLU A 31 6.82 -4.76 0.41
N LYS A 32 5.84 -5.45 -0.20
CA LYS A 32 6.02 -6.06 -1.52
C LYS A 32 6.22 -5.04 -2.65
N ILE A 33 5.66 -3.83 -2.56
CA ILE A 33 5.79 -2.81 -3.62
C ILE A 33 7.12 -2.05 -3.57
N GLU A 34 7.85 -2.08 -2.45
CA GLU A 34 9.26 -1.64 -2.44
C GLU A 34 10.12 -2.47 -3.41
N SER A 35 9.80 -3.76 -3.59
CA SER A 35 10.46 -4.63 -4.59
C SER A 35 10.05 -4.32 -6.04
N GLU A 36 8.94 -3.58 -6.26
CA GLU A 36 8.41 -3.24 -7.58
C GLU A 36 8.78 -1.81 -8.03
N LYS A 37 8.87 -0.87 -7.08
CA LYS A 37 9.08 0.59 -7.34
C LYS A 37 10.35 1.16 -6.69
N GLY A 38 10.98 0.40 -5.79
CA GLY A 38 12.31 0.67 -5.23
C GLY A 38 12.29 1.45 -3.91
N LYS A 39 13.31 1.19 -3.06
CA LYS A 39 13.68 1.95 -1.86
C LYS A 39 13.79 3.46 -2.12
N ASP A 40 14.24 3.84 -3.32
CA ASP A 40 14.41 5.23 -3.76
C ASP A 40 13.10 6.02 -3.90
N ALA A 41 11.95 5.35 -4.05
CA ALA A 41 10.66 5.98 -4.33
C ALA A 41 9.54 5.59 -3.35
N PHE A 42 9.58 4.38 -2.78
CA PHE A 42 8.60 3.89 -1.80
C PHE A 42 9.29 3.09 -0.68
N PRO A 43 10.14 3.72 0.15
CA PRO A 43 10.81 3.06 1.27
C PRO A 43 9.79 2.63 2.34
N VAL A 44 9.85 1.38 2.79
CA VAL A 44 8.96 0.82 3.84
C VAL A 44 8.95 1.68 5.12
N ALA A 45 10.10 2.25 5.49
CA ALA A 45 10.27 3.15 6.63
C ALA A 45 9.60 4.54 6.48
N GLY A 46 9.12 4.90 5.29
CA GLY A 46 8.67 6.25 4.94
C GLY A 46 7.49 6.31 3.96
N GLN A 47 6.74 5.22 3.79
CA GLN A 47 5.52 5.20 2.96
C GLN A 47 4.22 4.97 3.75
N LYS A 48 3.09 5.39 3.16
CA LYS A 48 1.73 5.45 3.70
C LYS A 48 0.72 5.04 2.62
N LEU A 49 -0.49 4.64 3.02
CA LEU A 49 -1.55 4.14 2.14
C LEU A 49 -2.95 4.64 2.51
N ILE A 50 -3.79 4.86 1.50
CA ILE A 50 -5.20 5.28 1.59
C ILE A 50 -6.05 4.43 0.63
N TYR A 51 -7.26 4.00 1.04
CA TYR A 51 -8.17 3.29 0.12
C TYR A 51 -9.25 4.19 -0.46
N ALA A 52 -10.09 4.75 0.41
CA ALA A 52 -11.27 5.55 0.06
C ALA A 52 -11.48 6.77 0.98
N GLY A 53 -10.39 7.26 1.59
CA GLY A 53 -10.41 8.28 2.66
C GLY A 53 -10.20 7.70 4.07
N LYS A 54 -9.96 6.38 4.15
CA LYS A 54 -9.56 5.64 5.35
C LYS A 54 -8.07 5.34 5.32
N ILE A 55 -7.46 5.13 6.48
CA ILE A 55 -6.01 4.90 6.61
C ILE A 55 -5.77 3.40 6.74
N LEU A 56 -5.10 2.80 5.75
CA LEU A 56 -4.69 1.40 5.81
C LEU A 56 -3.55 1.25 6.84
N ASN A 57 -3.68 0.28 7.75
CA ASN A 57 -2.90 0.19 9.00
C ASN A 57 -2.08 -1.12 9.10
N ASP A 58 -0.83 -0.98 9.54
CA ASP A 58 0.21 -2.01 9.53
C ASP A 58 -0.09 -3.29 10.34
N ASP A 59 -1.08 -3.24 11.24
CA ASP A 59 -1.36 -4.28 12.25
C ASP A 59 -2.75 -4.94 12.10
N THR A 60 -3.50 -4.62 11.03
CA THR A 60 -4.85 -5.15 10.77
C THR A 60 -4.94 -5.73 9.34
N ALA A 61 -5.65 -6.85 9.19
CA ALA A 61 -5.72 -7.64 7.96
C ALA A 61 -6.47 -6.96 6.80
N LEU A 62 -6.01 -7.21 5.57
CA LEU A 62 -6.53 -6.68 4.30
C LEU A 62 -8.06 -6.71 4.14
N LYS A 63 -8.72 -7.83 4.47
CA LYS A 63 -10.17 -7.96 4.32
C LYS A 63 -11.01 -7.09 5.26
N GLU A 64 -10.47 -6.62 6.38
CA GLU A 64 -11.19 -5.77 7.35
C GLU A 64 -11.49 -4.38 6.78
N TYR A 65 -10.68 -3.91 5.83
CA TYR A 65 -10.87 -2.63 5.13
C TYR A 65 -11.88 -2.72 3.97
N LYS A 66 -12.32 -3.94 3.63
CA LYS A 66 -13.21 -4.30 2.50
C LYS A 66 -12.72 -3.79 1.14
N ILE A 67 -11.42 -3.96 0.86
CA ILE A 67 -10.82 -3.66 -0.46
C ILE A 67 -11.35 -4.65 -1.51
N ASP A 68 -11.49 -4.20 -2.75
CA ASP A 68 -12.04 -4.99 -3.87
C ASP A 68 -11.20 -4.82 -5.14
N GLU A 69 -11.01 -5.90 -5.91
CA GLU A 69 -10.19 -5.93 -7.12
C GLU A 69 -10.67 -5.01 -8.27
N LYS A 70 -11.91 -4.49 -8.19
CA LYS A 70 -12.49 -3.54 -9.17
C LYS A 70 -12.43 -2.09 -8.67
N ASN A 71 -11.83 -1.85 -7.49
CA ASN A 71 -11.53 -0.53 -6.94
C ASN A 71 -10.01 -0.35 -6.74
N PHE A 72 -9.57 0.85 -6.33
CA PHE A 72 -8.14 1.19 -6.20
C PHE A 72 -7.78 1.92 -4.90
N VAL A 73 -6.49 1.89 -4.59
CA VAL A 73 -5.80 2.35 -3.38
C VAL A 73 -4.68 3.31 -3.82
N VAL A 74 -4.32 4.29 -2.98
CA VAL A 74 -3.23 5.23 -3.23
C VAL A 74 -2.05 4.95 -2.31
N VAL A 75 -0.85 4.83 -2.87
CA VAL A 75 0.44 4.76 -2.15
C VAL A 75 1.12 6.15 -2.18
N MET A 76 1.57 6.62 -1.02
CA MET A 76 2.22 7.94 -0.85
C MET A 76 3.39 7.87 0.13
N VAL A 77 4.25 8.89 0.20
CA VAL A 77 5.42 8.94 1.07
C VAL A 77 5.47 10.17 1.96
N THR A 78 6.25 10.09 3.04
CA THR A 78 6.59 11.18 3.96
C THR A 78 8.09 11.14 4.27
N LYS A 79 8.89 11.47 3.25
CA LYS A 79 10.37 11.54 3.30
C LYS A 79 10.87 12.64 4.26
N PRO A 80 12.11 12.53 4.78
CA PRO A 80 12.69 13.50 5.72
C PRO A 80 13.13 14.84 5.09
N LYS A 81 13.04 14.99 3.76
CA LYS A 81 13.33 16.23 3.03
C LYS A 81 12.49 17.44 3.46
N ALA A 82 12.92 18.64 3.07
CA ALA A 82 12.20 19.90 3.28
C ALA A 82 12.04 20.63 1.93
N VAL A 83 10.85 20.49 1.35
CA VAL A 83 10.45 21.05 0.04
C VAL A 83 9.00 21.55 0.12
N SER A 84 8.70 22.65 -0.59
CA SER A 84 7.37 23.30 -0.63
C SER A 84 6.91 23.55 -2.07
N THR A 85 5.69 23.18 -2.49
CA THR A 85 4.64 22.42 -1.76
C THR A 85 3.74 21.65 -2.74
N GLY A 1 -11.37 -16.58 -1.59
CA GLY A 1 -10.36 -17.65 -1.53
C GLY A 1 -9.11 -17.22 -0.78
N SER A 2 -8.02 -17.98 -0.92
CA SER A 2 -6.75 -17.78 -0.19
C SER A 2 -5.98 -16.49 -0.53
N HIS A 3 -6.34 -15.81 -1.63
CA HIS A 3 -5.68 -14.59 -2.12
C HIS A 3 -6.70 -13.55 -2.62
N MET A 4 -6.25 -12.30 -2.71
CA MET A 4 -7.00 -11.12 -3.15
C MET A 4 -6.09 -10.24 -4.00
N GLN A 5 -6.62 -9.64 -5.08
CA GLN A 5 -5.92 -8.65 -5.89
C GLN A 5 -6.36 -7.23 -5.52
N VAL A 6 -5.44 -6.26 -5.62
CA VAL A 6 -5.65 -4.84 -5.24
C VAL A 6 -4.98 -3.93 -6.27
N THR A 7 -5.63 -2.81 -6.60
CA THR A 7 -5.18 -1.82 -7.60
C THR A 7 -4.57 -0.61 -6.89
N LEU A 8 -3.34 -0.22 -7.24
CA LEU A 8 -2.53 0.75 -6.49
C LEU A 8 -2.14 1.96 -7.36
N LYS A 9 -2.52 3.17 -6.92
CA LYS A 9 -2.14 4.47 -7.51
C LYS A 9 -1.00 5.13 -6.73
N THR A 10 -0.32 6.09 -7.37
CA THR A 10 0.83 6.82 -6.80
C THR A 10 0.81 8.32 -7.13
N LEU A 11 1.63 9.12 -6.43
CA LEU A 11 1.87 10.55 -6.74
C LEU A 11 2.46 10.76 -8.14
N GLN A 12 3.12 9.73 -8.69
CA GLN A 12 3.68 9.66 -10.03
C GLN A 12 2.60 9.37 -11.11
N GLN A 13 1.31 9.52 -10.77
CA GLN A 13 0.15 9.57 -11.67
C GLN A 13 0.04 8.34 -12.58
N GLN A 14 0.29 7.17 -11.99
CA GLN A 14 0.27 5.85 -12.62
C GLN A 14 -0.34 4.81 -11.68
N THR A 15 -0.81 3.69 -12.25
CA THR A 15 -1.56 2.65 -11.51
C THR A 15 -1.09 1.24 -11.93
N PHE A 16 -1.01 0.32 -10.96
CA PHE A 16 -0.64 -1.08 -11.18
C PHE A 16 -1.35 -2.00 -10.17
N LYS A 17 -1.52 -3.29 -10.48
CA LYS A 17 -2.22 -4.25 -9.62
C LYS A 17 -1.29 -5.32 -9.04
N ILE A 18 -1.58 -5.68 -7.79
CA ILE A 18 -0.81 -6.55 -6.89
C ILE A 18 -1.75 -7.63 -6.32
N ASP A 19 -1.22 -8.76 -5.85
CA ASP A 19 -1.99 -9.80 -5.18
C ASP A 19 -1.27 -10.37 -3.94
N ILE A 20 -2.01 -10.52 -2.85
CA ILE A 20 -1.54 -11.00 -1.53
C ILE A 20 -2.66 -11.82 -0.83
N ASP A 21 -2.35 -12.50 0.27
CA ASP A 21 -3.36 -13.11 1.16
C ASP A 21 -4.12 -12.00 1.95
N PRO A 22 -5.46 -11.86 1.83
CA PRO A 22 -6.23 -10.79 2.48
C PRO A 22 -6.31 -10.91 4.01
N GLU A 23 -5.94 -12.04 4.62
CA GLU A 23 -5.83 -12.20 6.07
C GLU A 23 -4.47 -11.73 6.62
N GLU A 24 -3.53 -11.33 5.76
CA GLU A 24 -2.30 -10.63 6.19
C GLU A 24 -2.56 -9.12 6.36
N THR A 25 -1.64 -8.43 7.04
CA THR A 25 -1.73 -6.99 7.28
C THR A 25 -1.28 -6.18 6.06
N VAL A 26 -1.50 -4.87 6.09
CA VAL A 26 -1.06 -3.90 5.06
C VAL A 26 0.44 -4.01 4.73
N LYS A 27 1.26 -4.50 5.66
CA LYS A 27 2.67 -4.89 5.45
C LYS A 27 2.85 -5.75 4.18
N ALA A 28 1.95 -6.71 3.92
CA ALA A 28 2.06 -7.62 2.78
C ALA A 28 2.02 -6.92 1.41
N LEU A 29 1.14 -5.92 1.24
CA LEU A 29 1.10 -5.05 0.06
C LEU A 29 2.32 -4.12 0.03
N LYS A 30 2.62 -3.45 1.14
CA LYS A 30 3.58 -2.34 1.11
C LYS A 30 5.05 -2.77 1.12
N GLU A 31 5.36 -3.92 1.73
CA GLU A 31 6.69 -4.54 1.61
C GLU A 31 6.97 -5.03 0.19
N LYS A 32 5.98 -5.61 -0.53
CA LYS A 32 6.24 -6.21 -1.83
C LYS A 32 6.56 -5.20 -2.94
N ILE A 33 5.92 -4.02 -2.94
CA ILE A 33 6.08 -3.03 -4.02
C ILE A 33 7.45 -2.32 -3.97
N GLU A 34 8.14 -2.36 -2.82
CA GLU A 34 9.49 -1.83 -2.64
C GLU A 34 10.51 -2.46 -3.60
N SER A 35 10.35 -3.74 -3.97
CA SER A 35 11.26 -4.41 -4.93
C SER A 35 11.02 -4.01 -6.39
N GLU A 36 9.83 -3.48 -6.69
CA GLU A 36 9.39 -3.11 -8.04
C GLU A 36 9.64 -1.63 -8.39
N LYS A 37 9.51 -0.72 -7.41
CA LYS A 37 9.68 0.74 -7.57
C LYS A 37 10.83 1.34 -6.75
N GLY A 38 11.48 0.54 -5.91
CA GLY A 38 12.72 0.85 -5.19
C GLY A 38 12.48 1.48 -3.82
N LYS A 39 13.31 1.09 -2.84
CA LYS A 39 13.39 1.71 -1.50
C LYS A 39 13.71 3.21 -1.57
N ASP A 40 14.40 3.64 -2.63
CA ASP A 40 14.69 5.05 -2.94
C ASP A 40 13.44 5.93 -3.18
N ALA A 41 12.29 5.33 -3.49
CA ALA A 41 11.03 6.03 -3.80
C ALA A 41 9.82 5.55 -2.96
N PHE A 42 9.84 4.32 -2.45
CA PHE A 42 8.81 3.72 -1.58
C PHE A 42 9.44 2.88 -0.45
N PRO A 43 10.16 3.50 0.50
CA PRO A 43 10.78 2.80 1.62
C PRO A 43 9.71 2.25 2.57
N VAL A 44 9.84 1.00 3.00
CA VAL A 44 9.02 0.38 4.07
C VAL A 44 9.00 1.21 5.36
N ALA A 45 10.09 1.93 5.66
CA ALA A 45 10.23 2.84 6.80
C ALA A 45 9.44 4.17 6.68
N GLY A 46 8.91 4.52 5.50
CA GLY A 46 8.38 5.87 5.22
C GLY A 46 7.22 5.97 4.23
N GLN A 47 6.76 4.85 3.64
CA GLN A 47 5.53 4.87 2.82
C GLN A 47 4.23 4.73 3.65
N LYS A 48 3.11 5.18 3.08
CA LYS A 48 1.75 5.22 3.65
C LYS A 48 0.71 4.84 2.60
N LEU A 49 -0.49 4.41 3.00
CA LEU A 49 -1.55 3.93 2.09
C LEU A 49 -2.96 4.40 2.53
N ILE A 50 -3.82 4.62 1.54
CA ILE A 50 -5.21 5.12 1.63
C ILE A 50 -6.14 4.25 0.80
N TYR A 51 -7.37 4.02 1.26
CA TYR A 51 -8.45 3.36 0.52
C TYR A 51 -9.71 4.25 0.52
N ALA A 52 -9.86 5.03 -0.56
CA ALA A 52 -11.01 5.88 -0.90
C ALA A 52 -11.44 6.95 0.15
N GLY A 53 -10.63 7.22 1.17
CA GLY A 53 -10.90 8.21 2.23
C GLY A 53 -10.52 7.76 3.64
N LYS A 54 -10.04 6.52 3.80
CA LYS A 54 -9.69 5.86 5.06
C LYS A 54 -8.24 5.34 4.99
N ILE A 55 -7.55 5.31 6.11
CA ILE A 55 -6.11 4.97 6.18
C ILE A 55 -5.97 3.47 6.44
N LEU A 56 -5.19 2.79 5.60
CA LEU A 56 -4.88 1.37 5.74
C LEU A 56 -3.83 1.16 6.85
N ASN A 57 -4.29 0.78 8.05
CA ASN A 57 -3.46 0.62 9.25
C ASN A 57 -2.46 -0.54 9.14
N ASP A 58 -1.19 -0.29 9.45
CA ASP A 58 -0.09 -1.24 9.26
C ASP A 58 -0.07 -2.45 10.23
N ASP A 59 -1.02 -2.51 11.16
CA ASP A 59 -1.17 -3.57 12.17
C ASP A 59 -2.57 -4.25 12.12
N THR A 60 -3.29 -4.09 11.01
CA THR A 60 -4.65 -4.61 10.79
C THR A 60 -4.72 -5.39 9.47
N ALA A 61 -5.37 -6.55 9.49
CA ALA A 61 -5.54 -7.42 8.32
C ALA A 61 -6.42 -6.80 7.22
N LEU A 62 -6.06 -7.03 5.96
CA LEU A 62 -6.65 -6.33 4.80
C LEU A 62 -8.16 -6.55 4.61
N LYS A 63 -8.70 -7.73 4.98
CA LYS A 63 -10.14 -8.01 4.91
C LYS A 63 -11.03 -7.15 5.82
N GLU A 64 -10.48 -6.54 6.90
CA GLU A 64 -11.21 -5.55 7.71
C GLU A 64 -11.50 -4.25 6.93
N TYR A 65 -10.72 -3.97 5.87
CA TYR A 65 -10.93 -2.83 4.96
C TYR A 65 -11.80 -3.18 3.74
N LYS A 66 -12.25 -4.44 3.61
CA LYS A 66 -13.12 -4.97 2.54
C LYS A 66 -12.71 -4.51 1.13
N ILE A 67 -11.40 -4.54 0.86
CA ILE A 67 -10.79 -4.10 -0.41
C ILE A 67 -11.27 -4.98 -1.57
N ASP A 68 -11.29 -4.44 -2.79
CA ASP A 68 -11.88 -5.04 -3.99
C ASP A 68 -10.95 -4.95 -5.22
N GLU A 69 -11.05 -5.90 -6.15
CA GLU A 69 -10.16 -6.07 -7.30
C GLU A 69 -10.32 -4.98 -8.39
N LYS A 70 -11.42 -4.23 -8.36
CA LYS A 70 -11.75 -3.14 -9.30
C LYS A 70 -12.21 -1.85 -8.61
N ASN A 71 -11.93 -1.74 -7.31
CA ASN A 71 -11.68 -0.46 -6.63
C ASN A 71 -10.15 -0.26 -6.52
N PHE A 72 -9.69 0.89 -6.03
CA PHE A 72 -8.26 1.17 -5.90
C PHE A 72 -7.86 1.86 -4.59
N VAL A 73 -6.57 1.73 -4.30
CA VAL A 73 -5.82 2.18 -3.13
C VAL A 73 -4.78 3.19 -3.60
N VAL A 74 -4.40 4.16 -2.77
CA VAL A 74 -3.44 5.23 -3.11
C VAL A 74 -2.27 5.16 -2.14
N VAL A 75 -1.04 5.07 -2.67
CA VAL A 75 0.20 5.02 -1.89
C VAL A 75 0.85 6.40 -1.87
N MET A 76 1.38 6.79 -0.72
CA MET A 76 2.01 8.09 -0.43
C MET A 76 3.34 7.87 0.31
N VAL A 77 4.23 8.85 0.32
CA VAL A 77 5.57 8.71 0.94
C VAL A 77 6.03 9.97 1.69
N THR A 78 6.87 9.78 2.71
CA THR A 78 7.56 10.84 3.46
C THR A 78 9.01 10.43 3.78
N LYS A 79 9.90 11.43 3.89
CA LYS A 79 11.36 11.27 4.08
C LYS A 79 11.83 12.26 5.16
N PRO A 80 11.62 11.96 6.47
CA PRO A 80 11.77 12.93 7.56
C PRO A 80 13.17 13.52 7.75
N LYS A 81 14.21 12.87 7.18
CA LYS A 81 15.58 13.40 7.06
C LYS A 81 15.65 14.72 6.29
N ALA A 82 14.84 14.86 5.24
CA ALA A 82 14.70 16.09 4.43
C ALA A 82 13.23 16.31 4.04
N VAL A 83 12.47 16.97 4.92
CA VAL A 83 11.01 17.19 4.79
C VAL A 83 10.58 18.67 4.99
N SER A 84 11.52 19.54 5.37
CA SER A 84 11.29 20.98 5.61
C SER A 84 12.32 21.85 4.87
N THR A 85 11.91 23.07 4.50
CA THR A 85 12.69 24.06 3.71
C THR A 85 12.46 25.51 4.19
#